data_6VBB
#
_entry.id   6VBB
#
_cell.length_a   136.311
_cell.length_b   102.525
_cell.length_c   68.035
_cell.angle_alpha   90.000
_cell.angle_beta   116.280
_cell.angle_gamma   90.000
#
_symmetry.space_group_name_H-M   'C 1 2 1'
#
loop_
_entity.id
_entity.type
_entity.pdbx_description
1 polymer 'Peptidase S41'
2 non-polymer 'trimethylamine oxide'
3 non-polymer DI(HYDROXYETHYL)ETHER
4 non-polymer 'SODIUM ION'
5 non-polymer 'CHLORIDE ION'
6 water water
#
_entity_poly.entity_id   1
_entity_poly.type   'polypeptide(L)'
_entity_poly.pdbx_seq_one_letter_code
;SNIGSGAPVVKEKLSPLHPDSPESEESYAEVPIESIQQFVQIYGIVRDNYVDEKSDDALFLQAIKGLVSGLDRYSRYLSA
EEYRQLIQYTEGDLASVDFVLSPESHVHKW(MSE)IRDLKTGSDSYKLGLRNGQTILKIDNQELKNLTHDQVLGLLYGSI
GSTLQVQTEESNSPISLVRNKKIETDIEPV(MSE)LHNQVLVLKIRVFQQDTANEIKRLIEENSSSRLKAVLIDLRNNPG
GLLSAAVESADLFLNHGIIVSTKSRSEGNQQFQALPGNDFQNIKVGILINHRSASAAEVFTAA(MSE)KEHQRAWV
(MSE)GEKSYGKGVVQKLFPLPSGAALQ(MSE)TVSHYYTPNGN(MSE)IEGQGIQPNQTYPLPPE(MSE)KEEVYLDRV
ADLLLKRK
;
_entity_poly.pdbx_strand_id   A,B
#
loop_
_chem_comp.id
_chem_comp.type
_chem_comp.name
_chem_comp.formula
CL non-polymer 'CHLORIDE ION' 'Cl -1'
NA non-polymer 'SODIUM ION' 'Na 1'
PEG non-polymer DI(HYDROXYETHYL)ETHER 'C4 H10 O3'
TMO non-polymer 'trimethylamine oxide' 'C3 H9 N O'
#
# COMPACT_ATOMS: atom_id res chain seq x y z
N PRO A 32 -11.69 4.31 32.71
CA PRO A 32 -10.38 4.44 32.00
C PRO A 32 -9.71 5.81 32.24
N ILE A 33 -9.69 6.28 33.50
CA ILE A 33 -9.14 7.61 33.88
C ILE A 33 -7.71 7.83 33.33
N GLU A 34 -6.79 6.88 33.53
N GLU A 34 -6.80 6.88 33.54
CA GLU A 34 -5.40 7.05 33.04
CA GLU A 34 -5.40 7.05 33.05
C GLU A 34 -5.38 7.23 31.52
C GLU A 34 -5.39 7.23 31.52
N SER A 35 -6.18 6.43 30.78
CA SER A 35 -6.17 6.56 29.29
C SER A 35 -6.99 7.79 28.86
N ILE A 36 -8.05 8.16 29.58
CA ILE A 36 -8.84 9.38 29.22
C ILE A 36 -7.94 10.61 29.38
N GLN A 37 -7.18 10.66 30.48
CA GLN A 37 -6.23 11.77 30.79
C GLN A 37 -5.19 11.85 29.66
N GLN A 38 -4.70 10.69 29.20
CA GLN A 38 -3.67 10.72 28.13
C GLN A 38 -4.32 11.23 26.83
N PHE A 39 -5.55 10.80 26.55
CA PHE A 39 -6.25 11.20 25.29
C PHE A 39 -6.50 12.71 25.26
N VAL A 40 -7.07 13.29 26.33
CA VAL A 40 -7.34 14.76 26.34
C VAL A 40 -6.00 15.53 26.28
N GLN A 41 -4.93 15.02 26.91
CA GLN A 41 -3.63 15.73 26.86
C GLN A 41 -3.16 15.79 25.40
N ILE A 42 -3.16 14.65 24.71
CA ILE A 42 -2.76 14.56 23.27
C ILE A 42 -3.67 15.48 22.43
N TYR A 43 -4.99 15.43 22.68
CA TYR A 43 -5.95 16.28 21.92
C TYR A 43 -5.50 17.74 22.02
N GLY A 44 -5.20 18.18 23.25
CA GLY A 44 -4.75 19.55 23.54
C GLY A 44 -3.46 19.89 22.81
N ILE A 45 -2.48 18.99 22.83
CA ILE A 45 -1.19 19.24 22.12
C ILE A 45 -1.46 19.40 20.62
N VAL A 46 -2.32 18.55 20.05
CA VAL A 46 -2.65 18.62 18.59
C VAL A 46 -3.35 19.95 18.30
N ARG A 47 -4.41 20.23 19.04
CA ARG A 47 -5.19 21.46 18.84
C ARG A 47 -4.31 22.71 18.97
N ASP A 48 -3.37 22.71 19.90
CA ASP A 48 -2.56 23.94 20.15
C ASP A 48 -1.26 24.02 19.33
N ASN A 49 -0.73 22.92 18.79
CA ASN A 49 0.59 23.06 18.09
C ASN A 49 0.58 22.53 16.65
N TYR A 50 -0.48 21.88 16.18
CA TYR A 50 -0.41 21.41 14.77
C TYR A 50 -0.25 22.62 13.86
N VAL A 51 0.51 22.47 12.78
CA VAL A 51 0.81 23.58 11.82
C VAL A 51 -0.50 24.31 11.45
N ASP A 52 -1.58 23.56 11.24
CA ASP A 52 -2.91 24.13 10.88
C ASP A 52 -3.85 24.06 12.09
N GLU A 53 -4.64 25.11 12.25
CA GLU A 53 -5.65 25.16 13.34
C GLU A 53 -6.81 24.29 12.85
N LYS A 54 -7.10 23.17 13.52
CA LYS A 54 -8.22 22.30 13.07
C LYS A 54 -9.40 22.39 14.03
N SER A 55 -10.60 22.17 13.50
CA SER A 55 -11.85 22.26 14.29
C SER A 55 -12.00 21.00 15.16
N ASP A 56 -12.75 21.13 16.27
CA ASP A 56 -12.99 19.97 17.17
C ASP A 56 -13.72 18.89 16.37
N ASP A 57 -14.65 19.30 15.50
CA ASP A 57 -15.43 18.34 14.69
C ASP A 57 -14.47 17.51 13.82
N ALA A 58 -13.45 18.16 13.24
CA ALA A 58 -12.48 17.45 12.37
C ALA A 58 -11.55 16.56 13.21
N LEU A 59 -11.15 17.02 14.40
CA LEU A 59 -10.22 16.21 15.25
C LEU A 59 -10.95 14.97 15.75
N PHE A 60 -12.16 15.13 16.29
CA PHE A 60 -12.91 13.93 16.77
C PHE A 60 -13.20 13.00 15.59
N LEU A 61 -13.47 13.54 14.40
CA LEU A 61 -13.74 12.63 13.25
C LEU A 61 -12.48 11.77 12.99
N GLN A 62 -11.29 12.35 13.07
CA GLN A 62 -10.02 11.59 12.85
C GLN A 62 -9.87 10.55 13.98
N ALA A 63 -10.27 10.91 15.20
CA ALA A 63 -10.18 9.99 16.36
C ALA A 63 -11.18 8.85 16.16
N ILE A 64 -12.39 9.16 15.69
CA ILE A 64 -13.43 8.12 15.41
C ILE A 64 -12.92 7.16 14.34
N LYS A 65 -12.33 7.69 13.25
CA LYS A 65 -11.87 6.78 12.15
C LYS A 65 -10.79 5.83 12.67
N GLY A 66 -9.88 6.31 13.53
CA GLY A 66 -8.82 5.44 14.07
C GLY A 66 -9.38 4.43 15.05
N LEU A 67 -10.38 4.85 15.83
CA LEU A 67 -11.03 3.95 16.81
C LEU A 67 -11.70 2.77 16.10
N VAL A 68 -12.48 3.06 15.06
CA VAL A 68 -13.22 1.97 14.34
C VAL A 68 -12.34 1.25 13.32
N SER A 69 -11.59 1.96 12.49
CA SER A 69 -10.74 1.28 11.46
C SER A 69 -9.58 0.53 12.12
N GLY A 70 -9.21 0.92 13.35
CA GLY A 70 -8.11 0.28 14.10
C GLY A 70 -8.46 -1.11 14.61
N LEU A 71 -9.73 -1.52 14.47
CA LEU A 71 -10.24 -2.85 14.94
C LEU A 71 -9.75 -3.95 13.99
N ASP A 72 -9.98 -3.78 12.68
CA ASP A 72 -9.56 -4.77 11.66
C ASP A 72 -9.62 -4.10 10.27
N ARG A 73 -9.29 -4.84 9.21
CA ARG A 73 -9.27 -4.25 7.83
C ARG A 73 -10.67 -4.16 7.21
N TYR A 74 -11.74 -4.41 7.98
CA TYR A 74 -13.11 -4.33 7.39
C TYR A 74 -14.00 -3.39 8.19
N SER A 75 -13.60 -3.04 9.40
CA SER A 75 -14.43 -2.14 10.24
C SER A 75 -14.10 -0.68 9.91
N ARG A 76 -15.11 0.19 9.90
CA ARG A 76 -14.86 1.62 9.57
C ARG A 76 -16.08 2.50 9.82
N TYR A 77 -15.81 3.80 9.90
CA TYR A 77 -16.86 4.86 10.05
C TYR A 77 -17.34 5.20 8.64
N LEU A 78 -18.65 5.35 8.48
CA LEU A 78 -19.24 5.71 7.17
C LEU A 78 -19.88 7.09 7.28
N SER A 79 -19.58 7.99 6.35
CA SER A 79 -20.28 9.31 6.37
C SER A 79 -21.72 9.03 5.93
N ALA A 80 -22.64 9.95 6.21
CA ALA A 80 -24.05 9.75 5.82
C ALA A 80 -24.13 9.35 4.34
N GLU A 81 -23.24 9.88 3.49
CA GLU A 81 -23.28 9.56 2.03
C GLU A 81 -22.72 8.16 1.78
N GLU A 82 -21.58 7.82 2.41
CA GLU A 82 -20.98 6.47 2.23
C GLU A 82 -22.00 5.40 2.66
N TYR A 83 -22.83 5.74 3.65
CA TYR A 83 -23.87 4.81 4.16
C TYR A 83 -25.00 4.69 3.15
N ARG A 84 -25.51 5.83 2.65
CA ARG A 84 -26.59 5.84 1.65
C ARG A 84 -26.16 5.02 0.42
N GLN A 85 -24.89 5.11 0.04
CA GLN A 85 -24.32 4.36 -1.13
C GLN A 85 -24.31 2.85 -0.85
N LEU A 86 -23.84 2.46 0.35
CA LEU A 86 -23.67 1.03 0.75
C LEU A 86 -25.02 0.28 0.84
N ILE A 87 -26.08 0.95 1.29
CA ILE A 87 -27.38 0.23 1.47
C ILE A 87 -28.00 -0.09 0.11
N GLN A 88 -27.60 0.62 -0.95
CA GLN A 88 -28.14 0.35 -2.32
C GLN A 88 -27.73 -1.06 -2.78
N TYR A 89 -26.53 -1.50 -2.40
CA TYR A 89 -26.02 -2.83 -2.81
C TYR A 89 -26.52 -3.92 -1.86
N THR A 90 -26.80 -5.11 -2.39
CA THR A 90 -27.23 -6.27 -1.53
C THR A 90 -25.97 -6.98 -1.07
N GLU A 91 -25.93 -7.38 0.19
CA GLU A 91 -24.74 -8.03 0.76
C GLU A 91 -24.40 -9.32 0.01
N GLY A 92 -23.12 -9.49 -0.34
CA GLY A 92 -22.59 -10.69 -1.00
C GLY A 92 -23.05 -10.92 -2.43
N ASP A 93 -23.23 -9.85 -3.20
CA ASP A 93 -23.61 -10.07 -4.62
C ASP A 93 -22.34 -10.03 -5.45
N LEU A 94 -22.28 -10.81 -6.53
CA LEU A 94 -21.09 -10.73 -7.41
C LEU A 94 -21.22 -9.43 -8.21
N ALA A 95 -20.11 -8.73 -8.40
CA ALA A 95 -20.20 -7.47 -9.17
C ALA A 95 -18.91 -7.20 -9.93
N SER A 96 -18.99 -6.27 -10.89
CA SER A 96 -17.85 -5.80 -11.70
C SER A 96 -17.97 -4.28 -11.84
N VAL A 97 -17.15 -3.69 -12.70
CA VAL A 97 -17.20 -2.22 -12.96
C VAL A 97 -18.35 -1.95 -13.94
N ASP A 98 -18.71 -0.68 -14.12
CA ASP A 98 -19.82 -0.22 -15.00
C ASP A 98 -19.42 -0.24 -16.49
N PHE A 99 -18.59 -1.21 -16.89
CA PHE A 99 -18.14 -1.36 -18.29
C PHE A 99 -17.52 -2.75 -18.48
N VAL A 100 -17.15 -3.06 -19.72
CA VAL A 100 -16.59 -4.38 -20.13
C VAL A 100 -15.25 -4.17 -20.83
N LEU A 101 -14.42 -5.20 -20.85
CA LEU A 101 -13.11 -5.17 -21.56
C LEU A 101 -13.11 -6.27 -22.62
N SER A 102 -12.68 -5.92 -23.83
CA SER A 102 -12.52 -6.86 -24.97
C SER A 102 -11.41 -6.34 -25.86
N PRO A 103 -10.50 -7.22 -26.33
CA PRO A 103 -9.45 -6.77 -27.25
C PRO A 103 -10.07 -6.62 -28.65
N GLU A 104 -10.09 -5.41 -29.22
CA GLU A 104 -10.69 -5.22 -30.57
C GLU A 104 -9.72 -4.38 -31.42
N SER A 105 -8.78 -3.69 -30.77
CA SER A 105 -7.73 -2.87 -31.45
C SER A 105 -6.60 -3.83 -31.86
N HIS A 106 -5.92 -4.37 -30.84
CA HIS A 106 -4.78 -5.33 -30.97
C HIS A 106 -5.19 -6.64 -30.28
N VAL A 107 -4.39 -7.69 -30.38
CA VAL A 107 -4.76 -9.01 -29.76
C VAL A 107 -4.53 -8.98 -28.24
N HIS A 108 -3.59 -8.17 -27.74
CA HIS A 108 -3.32 -8.15 -26.27
C HIS A 108 -3.64 -6.79 -25.61
N LYS A 109 -4.34 -5.89 -26.30
CA LYS A 109 -4.70 -4.60 -25.65
C LYS A 109 -6.21 -4.59 -25.36
N TRP A 110 -6.56 -4.61 -24.07
CA TRP A 110 -7.96 -4.65 -23.58
C TRP A 110 -8.57 -3.25 -23.56
N MSE A 111 -9.56 -3.05 -24.43
CA MSE A 111 -10.24 -1.77 -24.58
C MSE A 111 -11.57 -1.75 -23.83
O MSE A 111 -12.26 -2.77 -23.71
CB MSE A 111 -10.51 -1.48 -26.05
CG MSE A 111 -9.24 -1.36 -26.88
SE MSE A 111 -9.64 -0.30 -28.48
CE MSE A 111 -11.59 -0.14 -28.67
N ILE A 112 -11.93 -0.54 -23.37
CA ILE A 112 -13.17 -0.30 -22.66
C ILE A 112 -14.34 -0.27 -23.66
N ARG A 113 -15.46 -0.90 -23.29
CA ARG A 113 -16.69 -0.98 -24.12
C ARG A 113 -17.91 -0.97 -23.18
N ASP A 114 -19.07 -0.52 -23.67
CA ASP A 114 -20.35 -0.49 -22.89
C ASP A 114 -20.33 0.56 -21.75
N LEU A 115 -19.38 1.51 -21.76
CA LEU A 115 -19.38 2.56 -20.72
C LEU A 115 -20.52 3.53 -21.00
N LYS A 116 -21.44 3.69 -20.06
CA LYS A 116 -22.61 4.60 -20.26
C LYS A 116 -22.24 6.03 -19.82
N THR A 117 -22.66 7.04 -20.59
CA THR A 117 -22.37 8.46 -20.23
C THR A 117 -23.09 8.79 -18.92
N GLY A 118 -22.41 9.46 -17.99
CA GLY A 118 -22.97 9.83 -16.69
C GLY A 118 -22.56 8.86 -15.59
N SER A 119 -22.04 7.69 -15.96
CA SER A 119 -21.63 6.65 -14.98
C SER A 119 -20.44 7.16 -14.15
N ASP A 120 -20.18 6.52 -13.00
CA ASP A 120 -19.08 6.92 -12.09
C ASP A 120 -17.75 6.91 -12.83
N SER A 121 -17.53 5.91 -13.69
CA SER A 121 -16.27 5.78 -14.44
C SER A 121 -16.19 6.91 -15.48
N TYR A 122 -17.32 7.28 -16.10
CA TYR A 122 -17.32 8.38 -17.10
C TYR A 122 -16.88 9.68 -16.41
N LYS A 123 -17.40 9.94 -15.20
CA LYS A 123 -17.08 11.15 -14.40
C LYS A 123 -15.58 11.15 -14.05
N LEU A 124 -14.98 9.98 -13.84
CA LEU A 124 -13.54 9.90 -13.48
C LEU A 124 -12.63 10.13 -14.70
N GLY A 125 -13.15 9.98 -15.92
CA GLY A 125 -12.33 10.23 -17.13
C GLY A 125 -12.26 9.05 -18.08
N LEU A 126 -12.71 7.87 -17.66
CA LEU A 126 -12.67 6.70 -18.56
C LEU A 126 -13.65 6.92 -19.71
N ARG A 127 -13.31 6.39 -20.88
CA ARG A 127 -14.13 6.51 -22.11
C ARG A 127 -14.02 5.23 -22.93
N ASN A 128 -15.10 4.89 -23.65
CA ASN A 128 -15.08 3.73 -24.57
C ASN A 128 -13.91 3.94 -25.53
N GLY A 129 -13.11 2.91 -25.81
CA GLY A 129 -11.96 3.05 -26.73
C GLY A 129 -10.64 3.12 -25.97
N GLN A 130 -10.64 3.67 -24.75
CA GLN A 130 -9.39 3.75 -23.95
C GLN A 130 -8.94 2.31 -23.66
N THR A 131 -7.64 2.10 -23.49
CA THR A 131 -7.11 0.75 -23.21
C THR A 131 -6.70 0.67 -21.75
N ILE A 132 -6.98 -0.45 -21.11
CA ILE A 132 -6.55 -0.67 -19.70
C ILE A 132 -5.36 -1.62 -19.76
N LEU A 133 -4.22 -1.15 -19.24
CA LEU A 133 -2.96 -1.91 -19.24
C LEU A 133 -2.82 -2.73 -17.96
N LYS A 134 -3.30 -2.20 -16.84
CA LYS A 134 -3.15 -2.92 -15.54
C LYS A 134 -4.41 -2.82 -14.67
N ILE A 135 -4.60 -3.85 -13.84
CA ILE A 135 -5.70 -3.91 -12.83
C ILE A 135 -5.00 -4.40 -11.56
N ASP A 136 -4.92 -3.55 -10.54
CA ASP A 136 -4.22 -3.91 -9.27
C ASP A 136 -2.77 -4.24 -9.59
N ASN A 137 -2.11 -3.38 -10.38
CA ASN A 137 -0.67 -3.49 -10.78
C ASN A 137 -0.40 -4.75 -11.62
N GLN A 138 -1.43 -5.40 -12.17
CA GLN A 138 -1.20 -6.62 -12.98
C GLN A 138 -1.52 -6.32 -14.46
N GLU A 139 -0.51 -6.45 -15.33
CA GLU A 139 -0.68 -6.19 -16.78
C GLU A 139 -1.70 -7.19 -17.36
N LEU A 140 -2.60 -6.69 -18.22
CA LEU A 140 -3.63 -7.55 -18.86
C LEU A 140 -3.05 -8.13 -20.16
N LYS A 141 -1.88 -7.61 -20.57
CA LYS A 141 -1.17 -8.00 -21.82
C LYS A 141 -1.36 -9.50 -22.12
N ASN A 142 -0.71 -10.39 -21.35
CA ASN A 142 -0.83 -11.84 -21.67
C ASN A 142 -1.79 -12.56 -20.71
N LEU A 143 -3.09 -12.25 -20.77
CA LEU A 143 -4.11 -12.92 -19.92
C LEU A 143 -5.30 -13.38 -20.77
N THR A 144 -6.03 -14.40 -20.32
CA THR A 144 -7.24 -14.89 -21.04
C THR A 144 -8.43 -14.03 -20.63
N HIS A 145 -9.56 -14.15 -21.35
CA HIS A 145 -10.77 -13.36 -20.99
C HIS A 145 -11.15 -13.69 -19.54
N ASP A 146 -10.95 -14.95 -19.12
CA ASP A 146 -11.27 -15.44 -17.74
C ASP A 146 -10.35 -14.79 -16.70
N GLN A 147 -9.04 -14.73 -16.97
CA GLN A 147 -8.07 -14.13 -16.02
C GLN A 147 -8.40 -12.64 -15.85
N VAL A 148 -8.92 -11.99 -16.90
CA VAL A 148 -9.29 -10.56 -16.81
C VAL A 148 -10.55 -10.44 -15.93
N LEU A 149 -11.56 -11.28 -16.17
CA LEU A 149 -12.79 -11.25 -15.32
C LEU A 149 -12.39 -11.58 -13.88
N GLY A 150 -11.35 -12.40 -13.70
CA GLY A 150 -10.87 -12.77 -12.35
C GLY A 150 -10.45 -11.55 -11.55
N LEU A 151 -9.86 -10.57 -12.23
CA LEU A 151 -9.39 -9.29 -11.64
C LEU A 151 -10.54 -8.27 -11.58
N LEU A 152 -11.44 -8.32 -12.56
CA LEU A 152 -12.55 -7.34 -12.68
C LEU A 152 -13.68 -7.68 -11.68
N TYR A 153 -13.99 -8.97 -11.53
CA TYR A 153 -15.06 -9.46 -10.63
C TYR A 153 -14.64 -9.42 -9.16
N GLY A 154 -15.64 -9.31 -8.28
CA GLY A 154 -15.40 -9.25 -6.83
C GLY A 154 -16.69 -8.97 -6.08
N SER A 155 -16.66 -8.99 -4.76
CA SER A 155 -17.91 -8.69 -3.99
C SER A 155 -18.35 -7.24 -4.29
N ILE A 156 -19.65 -7.02 -4.39
CA ILE A 156 -20.21 -5.68 -4.71
C ILE A 156 -19.77 -4.69 -3.63
N GLY A 157 -19.41 -3.47 -4.04
CA GLY A 157 -18.94 -2.43 -3.11
C GLY A 157 -17.43 -2.42 -3.00
N SER A 158 -16.78 -3.49 -3.47
CA SER A 158 -15.30 -3.65 -3.47
C SER A 158 -14.64 -2.61 -4.38
N THR A 159 -13.34 -2.43 -4.20
CA THR A 159 -12.50 -1.44 -4.92
C THR A 159 -11.42 -2.13 -5.76
N LEU A 160 -11.03 -1.48 -6.86
CA LEU A 160 -9.95 -1.99 -7.74
C LEU A 160 -9.30 -0.78 -8.42
N GLN A 161 -8.01 -0.89 -8.78
CA GLN A 161 -7.26 0.22 -9.43
C GLN A 161 -7.09 -0.13 -10.91
N VAL A 162 -7.09 0.88 -11.78
CA VAL A 162 -6.87 0.65 -13.23
C VAL A 162 -5.89 1.71 -13.76
N GLN A 163 -4.99 1.28 -14.64
CA GLN A 163 -4.01 2.14 -15.35
C GLN A 163 -4.43 2.15 -16.82
N THR A 164 -4.74 3.33 -17.36
CA THR A 164 -5.11 3.42 -18.79
C THR A 164 -3.86 3.83 -19.58
N GLU A 165 -3.81 3.46 -20.86
CA GLU A 165 -2.67 3.84 -21.75
C GLU A 165 -2.67 5.37 -21.88
N GLU A 166 -3.87 5.97 -21.90
CA GLU A 166 -4.03 7.44 -22.06
C GLU A 166 -3.61 8.20 -20.80
N SER A 167 -3.49 7.53 -19.64
CA SER A 167 -3.13 8.25 -18.38
C SER A 167 -1.84 7.71 -17.75
N ASN A 168 -1.08 8.57 -17.06
CA ASN A 168 0.19 8.17 -16.37
C ASN A 168 -0.11 7.80 -14.91
N SER A 169 -1.35 8.00 -14.44
CA SER A 169 -1.70 7.70 -13.01
C SER A 169 -2.87 6.74 -12.89
N PRO A 170 -2.95 5.97 -11.78
CA PRO A 170 -4.01 5.00 -11.58
C PRO A 170 -5.36 5.68 -11.28
N ILE A 171 -6.43 4.91 -11.30
CA ILE A 171 -7.82 5.38 -11.01
C ILE A 171 -8.52 4.32 -10.16
N SER A 172 -9.12 4.74 -9.04
CA SER A 172 -9.85 3.83 -8.13
C SER A 172 -11.31 3.72 -8.59
N LEU A 173 -11.78 2.49 -8.81
CA LEU A 173 -13.17 2.21 -9.26
C LEU A 173 -13.88 1.35 -8.21
N VAL A 174 -15.21 1.33 -8.25
CA VAL A 174 -16.00 0.50 -7.30
C VAL A 174 -16.79 -0.53 -8.10
N ARG A 175 -16.74 -1.81 -7.70
CA ARG A 175 -17.57 -2.85 -8.37
C ARG A 175 -19.02 -2.54 -7.97
N ASN A 176 -19.70 -1.70 -8.75
CA ASN A 176 -21.09 -1.27 -8.47
C ASN A 176 -22.09 -1.90 -9.44
N LYS A 177 -21.66 -2.76 -10.37
CA LYS A 177 -22.61 -3.38 -11.33
C LYS A 177 -22.78 -4.85 -10.98
N LYS A 178 -23.97 -5.23 -10.51
CA LYS A 178 -24.21 -6.65 -10.16
C LYS A 178 -24.07 -7.50 -11.43
N ILE A 179 -23.56 -8.72 -11.24
CA ILE A 179 -23.36 -9.68 -12.36
C ILE A 179 -24.18 -10.94 -12.07
N GLU A 180 -25.18 -11.18 -12.92
CA GLU A 180 -26.05 -12.38 -12.79
C GLU A 180 -25.22 -13.60 -13.16
N THR A 181 -25.44 -14.74 -12.49
CA THR A 181 -24.64 -15.95 -12.78
C THR A 181 -25.47 -17.23 -12.65
N ASP A 182 -24.95 -18.28 -13.26
CA ASP A 182 -25.50 -19.66 -13.24
C ASP A 182 -24.32 -20.59 -13.07
N ILE A 183 -24.54 -21.78 -12.54
CA ILE A 183 -23.39 -22.72 -12.51
C ILE A 183 -23.05 -23.02 -13.97
N GLU A 184 -21.76 -23.05 -14.30
CA GLU A 184 -21.31 -23.31 -15.69
C GLU A 184 -20.71 -24.71 -15.72
N PRO A 185 -21.47 -25.71 -16.21
CA PRO A 185 -20.99 -27.09 -16.26
C PRO A 185 -20.23 -27.43 -17.55
N VAL A 186 -19.21 -28.27 -17.42
CA VAL A 186 -18.39 -28.76 -18.56
C VAL A 186 -18.00 -30.21 -18.27
N MSE A 187 -18.32 -31.10 -19.21
CA MSE A 187 -17.94 -32.49 -19.09
C MSE A 187 -16.59 -32.66 -19.80
O MSE A 187 -16.49 -32.37 -21.00
CB MSE A 187 -19.03 -33.40 -19.66
CG MSE A 187 -18.76 -34.89 -19.51
SE MSE A 187 -18.73 -35.43 -17.62
CE MSE A 187 -20.60 -35.72 -17.09
N LEU A 188 -15.57 -33.07 -19.05
CA LEU A 188 -14.23 -33.25 -19.61
C LEU A 188 -14.11 -34.65 -20.22
N HIS A 189 -13.21 -34.80 -21.19
CA HIS A 189 -13.01 -36.11 -21.87
C HIS A 189 -12.72 -37.21 -20.85
N ASN A 190 -12.07 -36.90 -19.73
CA ASN A 190 -11.75 -37.93 -18.72
C ASN A 190 -12.99 -38.28 -17.87
N GLN A 191 -14.18 -37.80 -18.27
CA GLN A 191 -15.48 -38.10 -17.60
C GLN A 191 -15.57 -37.41 -16.23
N VAL A 192 -14.90 -36.28 -16.05
CA VAL A 192 -15.00 -35.51 -14.78
C VAL A 192 -15.92 -34.32 -15.05
N LEU A 193 -17.01 -34.18 -14.29
CA LEU A 193 -17.94 -33.04 -14.48
C LEU A 193 -17.42 -31.81 -13.71
N VAL A 194 -17.11 -30.72 -14.41
CA VAL A 194 -16.64 -29.47 -13.75
C VAL A 194 -17.83 -28.53 -13.56
N LEU A 195 -18.10 -28.13 -12.33
CA LEU A 195 -19.20 -27.17 -12.02
C LEU A 195 -18.54 -25.84 -11.62
N LYS A 196 -18.57 -24.83 -12.49
CA LYS A 196 -17.94 -23.53 -12.14
C LYS A 196 -18.96 -22.67 -11.39
N ILE A 197 -18.67 -22.37 -10.12
CA ILE A 197 -19.55 -21.54 -9.25
C ILE A 197 -18.82 -20.22 -8.97
N ARG A 198 -19.24 -19.15 -9.67
CA ARG A 198 -18.59 -17.83 -9.52
C ARG A 198 -18.99 -17.19 -8.18
N VAL A 199 -20.15 -17.58 -7.66
CA VAL A 199 -20.63 -17.02 -6.36
C VAL A 199 -21.79 -17.89 -5.85
N PHE A 200 -21.88 -18.07 -4.53
CA PHE A 200 -23.00 -18.83 -3.90
C PHE A 200 -24.22 -17.90 -3.82
N GLN A 201 -25.33 -18.36 -4.40
CA GLN A 201 -26.64 -17.65 -4.49
C GLN A 201 -27.72 -18.54 -3.87
N GLN A 202 -28.92 -18.00 -3.70
CA GLN A 202 -30.03 -18.79 -3.08
C GLN A 202 -30.21 -20.13 -3.80
N ASP A 203 -30.13 -20.19 -5.13
CA ASP A 203 -30.40 -21.46 -5.87
C ASP A 203 -29.14 -22.33 -6.12
N THR A 204 -27.97 -21.94 -5.60
CA THR A 204 -26.73 -22.72 -5.87
C THR A 204 -26.90 -24.21 -5.49
N ALA A 205 -27.28 -24.50 -4.24
CA ALA A 205 -27.40 -25.92 -3.79
C ALA A 205 -28.33 -26.71 -4.73
N ASN A 206 -29.54 -26.21 -4.98
CA ASN A 206 -30.49 -26.94 -5.86
C ASN A 206 -29.89 -27.14 -7.25
N GLU A 207 -29.10 -26.17 -7.71
CA GLU A 207 -28.54 -26.20 -9.08
C GLU A 207 -27.39 -27.23 -9.15
N ILE A 208 -26.62 -27.38 -8.06
CA ILE A 208 -25.55 -28.41 -8.02
C ILE A 208 -26.20 -29.80 -8.12
N LYS A 209 -27.22 -30.02 -7.29
CA LYS A 209 -28.01 -31.28 -7.23
C LYS A 209 -28.53 -31.62 -8.63
N ARG A 210 -29.14 -30.65 -9.31
CA ARG A 210 -29.73 -30.86 -10.65
C ARG A 210 -28.66 -31.17 -11.70
N LEU A 211 -27.56 -30.41 -11.73
CA LEU A 211 -26.50 -30.65 -12.74
C LEU A 211 -25.81 -32.00 -12.50
N ILE A 212 -25.59 -32.38 -11.24
CA ILE A 212 -24.95 -33.70 -10.96
C ILE A 212 -25.91 -34.82 -11.39
N GLU A 213 -27.20 -34.70 -11.06
CA GLU A 213 -28.21 -35.74 -11.40
C GLU A 213 -28.42 -35.83 -12.91
N GLU A 214 -28.52 -34.70 -13.62
CA GLU A 214 -28.79 -34.83 -15.07
C GLU A 214 -27.52 -35.29 -15.81
N ASN A 215 -26.37 -35.39 -15.12
CA ASN A 215 -25.11 -35.87 -15.74
C ASN A 215 -24.64 -37.16 -15.02
N SER A 216 -25.49 -37.74 -14.18
CA SER A 216 -25.12 -39.02 -13.50
C SER A 216 -25.30 -40.18 -14.49
N SER A 217 -24.37 -41.14 -14.46
CA SER A 217 -24.39 -42.34 -15.32
C SER A 217 -23.25 -43.27 -14.92
N SER A 218 -23.16 -44.44 -15.55
CA SER A 218 -22.08 -45.41 -15.26
C SER A 218 -20.72 -44.82 -15.67
N ARG A 219 -20.73 -43.75 -16.48
CA ARG A 219 -19.50 -43.10 -17.00
C ARG A 219 -18.93 -42.06 -16.02
N LEU A 220 -19.78 -41.35 -15.27
CA LEU A 220 -19.31 -40.28 -14.36
C LEU A 220 -18.26 -40.79 -13.37
N LYS A 221 -17.06 -40.22 -13.44
CA LYS A 221 -15.90 -40.56 -12.56
C LYS A 221 -15.89 -39.67 -11.31
N ALA A 222 -16.05 -38.36 -11.46
CA ALA A 222 -16.04 -37.45 -10.29
C ALA A 222 -16.60 -36.08 -10.67
N VAL A 223 -16.81 -35.24 -9.66
CA VAL A 223 -17.35 -33.86 -9.83
C VAL A 223 -16.30 -32.90 -9.28
N LEU A 224 -15.89 -31.93 -10.12
CA LEU A 224 -14.88 -30.91 -9.75
C LEU A 224 -15.59 -29.56 -9.60
N ILE A 225 -15.61 -29.03 -8.39
CA ILE A 225 -16.27 -27.72 -8.10
C ILE A 225 -15.21 -26.63 -8.21
N ASP A 226 -15.31 -25.79 -9.24
CA ASP A 226 -14.34 -24.69 -9.48
C ASP A 226 -14.81 -23.46 -8.74
N LEU A 227 -14.12 -23.10 -7.65
CA LEU A 227 -14.47 -21.93 -6.80
C LEU A 227 -13.41 -20.84 -6.92
N ARG A 228 -12.58 -20.90 -7.97
CA ARG A 228 -11.55 -19.85 -8.15
C ARG A 228 -12.22 -18.50 -8.38
N ASN A 229 -11.66 -17.43 -7.80
CA ASN A 229 -12.21 -16.06 -8.00
C ASN A 229 -13.62 -15.93 -7.40
N ASN A 230 -14.06 -16.91 -6.61
CA ASN A 230 -15.42 -16.83 -6.00
C ASN A 230 -15.28 -16.02 -4.72
N PRO A 231 -15.84 -14.78 -4.68
CA PRO A 231 -15.69 -13.91 -3.50
C PRO A 231 -16.59 -14.33 -2.33
N GLY A 232 -17.49 -15.29 -2.56
CA GLY A 232 -18.34 -15.75 -1.44
C GLY A 232 -19.81 -15.83 -1.79
N GLY A 233 -20.57 -14.81 -1.44
CA GLY A 233 -22.02 -14.84 -1.68
C GLY A 233 -22.75 -15.13 -0.39
N LEU A 234 -23.85 -15.87 -0.45
CA LEU A 234 -24.66 -16.17 0.76
C LEU A 234 -24.06 -17.34 1.56
N LEU A 235 -23.87 -17.12 2.86
CA LEU A 235 -23.37 -18.18 3.78
C LEU A 235 -24.33 -19.37 3.73
N SER A 236 -25.63 -19.09 3.80
CA SER A 236 -26.69 -20.14 3.78
C SER A 236 -26.53 -21.02 2.53
N ALA A 237 -26.21 -20.43 1.39
CA ALA A 237 -26.09 -21.19 0.13
C ALA A 237 -24.89 -22.15 0.22
N ALA A 238 -23.79 -21.71 0.83
CA ALA A 238 -22.58 -22.57 0.96
C ALA A 238 -22.89 -23.72 1.93
N VAL A 239 -23.57 -23.41 3.03
CA VAL A 239 -23.96 -24.44 4.04
C VAL A 239 -24.90 -25.46 3.36
N GLU A 240 -25.92 -25.00 2.65
CA GLU A 240 -26.85 -25.94 1.97
C GLU A 240 -26.05 -26.76 0.94
N SER A 241 -25.13 -26.12 0.21
CA SER A 241 -24.32 -26.81 -0.82
C SER A 241 -23.50 -27.93 -0.18
N ALA A 242 -22.87 -27.67 0.97
CA ALA A 242 -22.06 -28.69 1.67
C ALA A 242 -22.95 -29.80 2.23
N ASP A 243 -24.15 -29.44 2.70
CA ASP A 243 -25.12 -30.40 3.28
C ASP A 243 -25.53 -31.43 2.21
N LEU A 244 -25.36 -31.11 0.93
CA LEU A 244 -25.73 -32.09 -0.14
C LEU A 244 -24.81 -33.30 -0.07
N PHE A 245 -23.57 -33.09 0.38
CA PHE A 245 -22.52 -34.14 0.37
C PHE A 245 -22.15 -34.65 1.77
N LEU A 246 -22.80 -34.14 2.82
CA LEU A 246 -22.47 -34.57 4.20
C LEU A 246 -23.73 -35.02 4.95
N ASN A 247 -23.65 -36.17 5.63
CA ASN A 247 -24.79 -36.73 6.42
C ASN A 247 -24.68 -36.34 7.89
N HIS A 248 -23.51 -35.85 8.31
CA HIS A 248 -23.30 -35.49 9.72
C HIS A 248 -22.05 -34.60 9.86
N GLY A 249 -21.88 -34.02 11.03
CA GLY A 249 -20.73 -33.15 11.32
C GLY A 249 -21.08 -31.69 11.17
N ILE A 250 -20.30 -30.83 11.82
CA ILE A 250 -20.46 -29.35 11.77
C ILE A 250 -19.91 -28.86 10.44
N ILE A 251 -20.68 -28.04 9.72
CA ILE A 251 -20.26 -27.47 8.41
C ILE A 251 -19.45 -26.20 8.69
N VAL A 252 -19.96 -25.38 9.61
CA VAL A 252 -19.28 -24.11 9.99
C VAL A 252 -19.81 -23.66 11.35
N SER A 253 -18.99 -22.91 12.09
CA SER A 253 -19.41 -22.39 13.41
C SER A 253 -19.17 -20.88 13.39
N THR A 254 -19.95 -20.14 14.18
CA THR A 254 -19.78 -18.67 14.28
C THR A 254 -19.45 -18.31 15.74
N LYS A 255 -18.41 -17.51 15.96
CA LYS A 255 -18.05 -17.04 17.31
C LYS A 255 -18.47 -15.57 17.34
N SER A 256 -19.41 -15.22 18.22
CA SER A 256 -19.90 -13.81 18.26
C SER A 256 -20.37 -13.43 19.67
N ARG A 257 -20.20 -12.17 20.04
CA ARG A 257 -20.66 -11.69 21.37
C ARG A 257 -22.07 -11.12 21.21
N SER A 258 -22.28 -10.33 20.15
CA SER A 258 -23.59 -9.68 19.89
C SER A 258 -24.59 -10.65 19.26
N GLU A 259 -24.12 -11.70 18.58
CA GLU A 259 -25.03 -12.67 17.90
C GLU A 259 -25.02 -14.02 18.62
N GLY A 260 -23.99 -14.28 19.45
CA GLY A 260 -23.87 -15.56 20.17
C GLY A 260 -23.14 -16.61 19.34
N ASN A 261 -22.59 -17.64 19.98
CA ASN A 261 -21.84 -18.72 19.29
C ASN A 261 -22.81 -19.76 18.72
N GLN A 262 -23.08 -19.69 17.41
CA GLN A 262 -23.99 -20.65 16.73
C GLN A 262 -23.13 -21.71 16.01
N GLN A 263 -23.77 -22.79 15.54
CA GLN A 263 -23.02 -23.84 14.79
C GLN A 263 -24.00 -24.58 13.88
N PHE A 264 -23.71 -24.58 12.57
CA PHE A 264 -24.59 -25.20 11.56
C PHE A 264 -24.15 -26.64 11.34
N GLN A 265 -25.05 -27.59 11.62
CA GLN A 265 -24.75 -29.04 11.49
C GLN A 265 -25.34 -29.60 10.18
N ALA A 266 -24.69 -30.63 9.62
CA ALA A 266 -25.16 -31.30 8.39
C ALA A 266 -26.35 -32.20 8.76
N LEU A 267 -27.08 -32.73 7.78
CA LEU A 267 -28.27 -33.58 8.07
C LEU A 267 -28.25 -34.86 7.24
N PRO A 268 -28.82 -35.98 7.75
CA PRO A 268 -28.86 -37.24 7.03
C PRO A 268 -29.55 -37.14 5.67
N GLY A 269 -29.10 -37.97 4.71
CA GLY A 269 -29.64 -38.03 3.34
C GLY A 269 -28.52 -38.23 2.34
N ASN A 270 -28.26 -39.50 1.97
CA ASN A 270 -27.18 -39.85 1.01
C ASN A 270 -27.58 -39.48 -0.42
N ASP A 271 -27.60 -38.18 -0.71
CA ASP A 271 -27.94 -37.68 -2.06
C ASP A 271 -26.89 -38.19 -3.05
N PHE A 272 -25.60 -38.09 -2.72
CA PHE A 272 -24.51 -38.46 -3.68
C PHE A 272 -23.41 -39.29 -3.01
N GLN A 273 -23.79 -40.32 -2.27
CA GLN A 273 -22.87 -41.23 -1.54
C GLN A 273 -21.71 -41.70 -2.44
N ASN A 274 -22.02 -42.17 -3.65
CA ASN A 274 -20.99 -42.72 -4.57
C ASN A 274 -20.33 -41.65 -5.45
N ILE A 275 -20.48 -40.36 -5.12
CA ILE A 275 -19.86 -39.33 -6.02
C ILE A 275 -18.54 -38.80 -5.45
N LYS A 276 -17.45 -39.03 -6.17
CA LYS A 276 -16.10 -38.55 -5.79
C LYS A 276 -16.08 -37.05 -6.06
N VAL A 277 -15.54 -36.24 -5.15
CA VAL A 277 -15.64 -34.77 -5.36
C VAL A 277 -14.29 -34.08 -5.18
N GLY A 278 -14.05 -33.06 -6.00
CA GLY A 278 -12.83 -32.25 -5.93
C GLY A 278 -13.20 -30.77 -5.88
N ILE A 279 -12.34 -29.95 -5.26
CA ILE A 279 -12.60 -28.49 -5.19
C ILE A 279 -11.33 -27.77 -5.66
N LEU A 280 -11.49 -26.81 -6.56
CA LEU A 280 -10.35 -26.02 -7.07
C LEU A 280 -10.47 -24.60 -6.53
N ILE A 281 -9.45 -24.12 -5.83
CA ILE A 281 -9.48 -22.74 -5.24
C ILE A 281 -8.24 -21.97 -5.67
N ASN A 282 -8.31 -20.64 -5.56
CA ASN A 282 -7.15 -19.76 -5.85
C ASN A 282 -7.10 -18.72 -4.71
N HIS A 283 -6.18 -17.77 -4.80
CA HIS A 283 -6.00 -16.76 -3.72
C HIS A 283 -7.22 -15.83 -3.65
N ARG A 284 -8.13 -15.88 -4.63
CA ARG A 284 -9.33 -15.00 -4.62
C ARG A 284 -10.56 -15.76 -4.12
N SER A 285 -10.43 -17.06 -3.81
CA SER A 285 -11.58 -17.82 -3.27
C SER A 285 -11.82 -17.30 -1.85
N ALA A 286 -13.03 -16.83 -1.52
CA ALA A 286 -13.20 -16.23 -0.18
C ALA A 286 -14.60 -16.42 0.45
N SER A 287 -14.65 -16.14 1.77
CA SER A 287 -15.85 -16.16 2.62
C SER A 287 -16.66 -17.44 2.44
N ALA A 288 -17.91 -17.32 1.96
CA ALA A 288 -18.78 -18.51 1.79
C ALA A 288 -18.03 -19.59 1.02
N ALA A 289 -17.26 -19.23 -0.01
CA ALA A 289 -16.52 -20.25 -0.79
C ALA A 289 -15.52 -20.97 0.11
N GLU A 290 -14.98 -20.25 1.10
CA GLU A 290 -14.00 -20.85 2.05
C GLU A 290 -14.76 -21.73 3.04
N VAL A 291 -15.95 -21.30 3.45
CA VAL A 291 -16.76 -22.10 4.41
C VAL A 291 -17.05 -23.43 3.75
N PHE A 292 -17.63 -23.41 2.54
CA PHE A 292 -17.93 -24.65 1.79
C PHE A 292 -16.68 -25.50 1.63
N THR A 293 -15.59 -24.90 1.13
CA THR A 293 -14.32 -25.64 0.92
C THR A 293 -13.84 -26.30 2.22
N ALA A 294 -13.79 -25.54 3.32
CA ALA A 294 -13.31 -26.07 4.63
C ALA A 294 -14.20 -27.23 5.11
N ALA A 295 -15.52 -27.07 5.01
CA ALA A 295 -16.45 -28.14 5.45
C ALA A 295 -16.18 -29.45 4.69
N MSE A 296 -16.06 -29.35 3.37
CA MSE A 296 -15.85 -30.53 2.54
C MSE A 296 -14.45 -31.12 2.77
O MSE A 296 -14.28 -32.35 2.75
CB MSE A 296 -16.04 -30.15 1.07
CG MSE A 296 -17.39 -29.56 0.77
SE MSE A 296 -18.68 -30.98 0.67
CE MSE A 296 -18.22 -31.87 -1.01
N LYS A 297 -13.45 -30.27 3.00
CA LYS A 297 -12.08 -30.72 3.21
C LYS A 297 -11.88 -31.37 4.58
N GLU A 298 -12.31 -30.69 5.66
CA GLU A 298 -12.04 -31.20 7.03
C GLU A 298 -12.88 -32.46 7.33
N HIS A 299 -13.96 -32.71 6.58
CA HIS A 299 -14.73 -33.97 6.78
C HIS A 299 -14.22 -34.99 5.77
N GLN A 300 -13.10 -34.69 5.09
CA GLN A 300 -12.49 -35.61 4.07
C GLN A 300 -13.56 -36.03 3.07
N ARG A 301 -14.38 -35.10 2.60
CA ARG A 301 -15.46 -35.43 1.63
C ARG A 301 -15.01 -35.04 0.22
N ALA A 302 -14.04 -34.13 0.13
CA ALA A 302 -13.54 -33.64 -1.17
C ALA A 302 -12.03 -33.41 -1.12
N TRP A 303 -11.35 -33.68 -2.24
CA TRP A 303 -9.90 -33.42 -2.36
C TRP A 303 -9.76 -32.00 -2.90
N VAL A 304 -9.14 -31.11 -2.11
CA VAL A 304 -9.00 -29.68 -2.50
C VAL A 304 -7.62 -29.43 -3.11
N MSE A 305 -7.63 -28.89 -4.34
CA MSE A 305 -6.40 -28.56 -5.07
C MSE A 305 -6.41 -27.06 -5.42
O MSE A 305 -7.46 -26.41 -5.38
CB MSE A 305 -6.30 -29.39 -6.34
CG MSE A 305 -6.22 -30.88 -6.11
SE MSE A 305 -7.15 -31.89 -7.54
CE MSE A 305 -9.06 -31.50 -7.48
N GLY A 306 -5.22 -26.54 -5.75
CA GLY A 306 -5.05 -25.14 -6.11
C GLY A 306 -4.06 -24.44 -5.20
N GLU A 307 -4.39 -23.22 -4.75
CA GLU A 307 -3.53 -22.45 -3.82
C GLU A 307 -4.38 -21.97 -2.64
N LYS A 308 -3.71 -21.61 -1.54
CA LYS A 308 -4.38 -21.14 -0.29
C LYS A 308 -5.44 -20.10 -0.64
N SER A 309 -6.60 -20.18 0.02
CA SER A 309 -7.72 -19.23 -0.21
C SER A 309 -7.38 -17.84 0.37
N TYR A 310 -8.24 -16.85 0.09
CA TYR A 310 -8.01 -15.43 0.48
C TYR A 310 -7.85 -15.23 1.98
N GLY A 311 -8.67 -15.90 2.79
CA GLY A 311 -8.62 -15.74 4.25
C GLY A 311 -9.59 -14.67 4.75
N LYS A 312 -10.84 -14.69 4.29
CA LYS A 312 -11.87 -13.71 4.76
C LYS A 312 -13.04 -14.48 5.36
N GLY A 313 -13.19 -14.41 6.69
CA GLY A 313 -14.28 -15.13 7.39
C GLY A 313 -14.94 -14.25 8.42
N VAL A 314 -15.60 -13.19 7.98
CA VAL A 314 -16.24 -12.23 8.93
C VAL A 314 -17.69 -11.99 8.55
N VAL A 315 -18.48 -11.64 9.57
CA VAL A 315 -19.91 -11.26 9.46
C VAL A 315 -19.90 -9.80 9.94
N GLN A 316 -20.38 -8.87 9.10
CA GLN A 316 -20.40 -7.45 9.52
C GLN A 316 -21.84 -6.98 9.73
N LYS A 317 -21.98 -5.98 10.58
CA LYS A 317 -23.30 -5.39 10.91
C LYS A 317 -23.16 -3.87 10.80
N LEU A 318 -24.21 -3.20 10.33
CA LEU A 318 -24.21 -1.73 10.19
C LEU A 318 -24.86 -1.15 11.45
N PHE A 319 -24.26 -0.08 12.00
CA PHE A 319 -24.78 0.55 13.24
C PHE A 319 -25.12 2.01 12.92
N PRO A 320 -26.40 2.31 12.60
CA PRO A 320 -26.82 3.68 12.31
C PRO A 320 -26.54 4.62 13.47
N LEU A 321 -26.28 5.90 13.17
CA LEU A 321 -25.99 6.94 14.19
C LEU A 321 -26.98 8.09 14.00
N PRO A 322 -27.21 8.93 15.03
CA PRO A 322 -28.13 10.06 14.91
C PRO A 322 -27.74 11.03 13.79
N SER A 323 -26.43 11.18 13.56
CA SER A 323 -25.91 12.11 12.50
C SER A 323 -26.36 11.66 11.10
N GLY A 324 -26.90 10.44 10.98
CA GLY A 324 -27.29 9.89 9.67
C GLY A 324 -26.20 8.97 9.16
N ALA A 325 -24.99 9.12 9.70
CA ALA A 325 -23.80 8.30 9.37
C ALA A 325 -23.96 6.92 10.01
N ALA A 326 -22.95 6.06 9.91
CA ALA A 326 -23.07 4.72 10.51
C ALA A 326 -21.67 4.11 10.73
N LEU A 327 -21.65 2.92 11.32
CA LEU A 327 -20.40 2.16 11.58
C LEU A 327 -20.56 0.79 10.93
N GLN A 328 -19.54 0.35 10.19
CA GLN A 328 -19.56 -1.02 9.61
C GLN A 328 -18.54 -1.76 10.47
N MSE A 329 -18.99 -2.82 11.14
CA MSE A 329 -18.10 -3.51 12.06
C MSE A 329 -18.26 -5.03 12.03
O MSE A 329 -19.35 -5.54 11.78
CB MSE A 329 -18.44 -3.00 13.46
CG MSE A 329 -17.51 -3.40 14.55
SE MSE A 329 -18.14 -2.51 16.21
CE MSE A 329 -18.71 -0.71 15.72
N THR A 330 -17.15 -5.71 12.31
CA THR A 330 -17.11 -7.15 12.41
C THR A 330 -17.76 -7.55 13.73
N VAL A 331 -18.72 -8.47 13.70
CA VAL A 331 -19.42 -8.91 14.95
C VAL A 331 -19.28 -10.42 15.11
N SER A 332 -18.83 -11.12 14.06
CA SER A 332 -18.71 -12.60 14.13
C SER A 332 -17.58 -13.10 13.23
N HIS A 333 -16.97 -14.22 13.62
CA HIS A 333 -15.90 -14.88 12.81
C HIS A 333 -16.40 -16.27 12.41
N TYR A 334 -16.06 -16.72 11.20
CA TYR A 334 -16.44 -18.10 10.78
C TYR A 334 -15.33 -19.05 11.24
N TYR A 335 -15.71 -20.25 11.70
CA TYR A 335 -14.73 -21.29 12.14
C TYR A 335 -15.03 -22.57 11.37
N THR A 336 -13.95 -23.26 10.96
CA THR A 336 -14.04 -24.53 10.20
C THR A 336 -14.48 -25.63 11.15
N PRO A 337 -14.83 -26.83 10.64
CA PRO A 337 -15.22 -27.94 11.50
C PRO A 337 -14.17 -28.31 12.55
N ASN A 338 -12.88 -28.25 12.19
CA ASN A 338 -11.74 -28.57 13.11
C ASN A 338 -11.54 -27.45 14.12
N GLY A 339 -12.23 -26.32 13.95
CA GLY A 339 -12.12 -25.17 14.86
C GLY A 339 -11.11 -24.15 14.40
N ASN A 340 -10.72 -24.19 13.13
CA ASN A 340 -9.74 -23.20 12.57
C ASN A 340 -10.48 -21.94 12.17
N MSE A 341 -9.86 -20.78 12.44
CA MSE A 341 -10.43 -19.50 12.07
C MSE A 341 -10.10 -19.25 10.59
O MSE A 341 -8.96 -19.43 10.18
CB MSE A 341 -9.87 -18.39 12.95
CG MSE A 341 -10.61 -17.08 12.87
SE MSE A 341 -9.64 -15.73 13.91
CE MSE A 341 -7.71 -15.91 13.54
N ILE A 342 -11.11 -18.86 9.80
CA ILE A 342 -10.91 -18.59 8.38
C ILE A 342 -10.26 -17.21 8.20
N GLU A 343 -10.77 -16.19 8.89
CA GLU A 343 -10.24 -14.80 8.76
C GLU A 343 -8.74 -14.73 9.06
N GLY A 344 -7.95 -14.27 8.08
CA GLY A 344 -6.49 -14.10 8.22
C GLY A 344 -5.70 -15.37 7.95
N GLN A 345 -6.34 -16.54 7.94
CA GLN A 345 -5.61 -17.81 7.73
C GLN A 345 -5.84 -18.30 6.29
N GLY A 346 -7.10 -18.45 5.92
CA GLY A 346 -7.43 -18.99 4.60
C GLY A 346 -7.39 -20.49 4.69
N ILE A 347 -7.80 -21.18 3.63
CA ILE A 347 -7.81 -22.67 3.62
C ILE A 347 -6.66 -23.17 2.76
N GLN A 348 -5.79 -24.01 3.33
CA GLN A 348 -4.68 -24.62 2.55
C GLN A 348 -5.26 -25.80 1.79
N PRO A 349 -4.96 -25.98 0.48
CA PRO A 349 -5.49 -27.11 -0.25
C PRO A 349 -4.85 -28.42 0.22
N ASN A 350 -5.46 -29.55 -0.13
CA ASN A 350 -4.90 -30.88 0.21
C ASN A 350 -3.64 -31.05 -0.63
N GLN A 351 -3.70 -30.59 -1.88
CA GLN A 351 -2.56 -30.68 -2.84
C GLN A 351 -2.37 -29.32 -3.52
N THR A 352 -1.25 -28.66 -3.23
CA THR A 352 -0.93 -27.34 -3.82
C THR A 352 -0.60 -27.53 -5.31
N TYR A 353 -1.26 -26.77 -6.17
CA TYR A 353 -1.04 -26.85 -7.64
C TYR A 353 -1.64 -25.61 -8.28
N PRO A 354 -0.95 -24.47 -8.19
CA PRO A 354 -1.45 -23.23 -8.78
C PRO A 354 -1.26 -23.26 -10.31
N LEU A 355 -1.99 -22.41 -11.02
CA LEU A 355 -1.88 -22.30 -12.50
C LEU A 355 -0.43 -22.00 -12.86
N PRO A 356 0.32 -22.96 -13.47
CA PRO A 356 1.72 -22.70 -13.84
C PRO A 356 1.82 -21.50 -14.77
N PRO A 357 3.01 -20.85 -14.85
CA PRO A 357 3.17 -19.68 -15.72
C PRO A 357 2.89 -19.97 -17.20
N GLU A 358 1.94 -19.23 -17.78
CA GLU A 358 1.53 -19.28 -19.21
C GLU A 358 0.94 -20.63 -19.63
N MSE A 359 0.48 -21.42 -18.66
CA MSE A 359 -0.15 -22.72 -19.01
C MSE A 359 -1.58 -22.42 -19.51
O MSE A 359 -2.24 -21.56 -18.89
CB MSE A 359 -0.20 -23.64 -17.79
CG MSE A 359 -1.03 -24.89 -17.98
SE MSE A 359 -0.67 -26.22 -16.59
CE MSE A 359 0.85 -27.33 -17.12
N LYS A 360 -2.02 -23.08 -20.59
CA LYS A 360 -3.35 -22.84 -21.11
C LYS A 360 -4.39 -23.30 -20.07
N GLU A 361 -5.49 -22.56 -19.94
CA GLU A 361 -6.60 -22.86 -18.98
C GLU A 361 -7.12 -24.31 -19.15
N GLU A 362 -7.59 -24.67 -20.35
CA GLU A 362 -8.13 -26.04 -20.62
C GLU A 362 -7.13 -27.13 -20.19
N VAL A 363 -5.83 -26.88 -20.34
CA VAL A 363 -4.79 -27.89 -19.96
C VAL A 363 -4.75 -27.99 -18.44
N TYR A 364 -4.72 -26.83 -17.75
CA TYR A 364 -4.70 -26.81 -16.26
C TYR A 364 -5.93 -27.55 -15.73
N LEU A 365 -7.09 -27.29 -16.33
CA LEU A 365 -8.33 -27.95 -15.86
C LEU A 365 -8.16 -29.47 -16.03
N ASP A 366 -7.69 -29.92 -17.20
CA ASP A 366 -7.50 -31.39 -17.43
C ASP A 366 -6.50 -31.96 -16.42
N ARG A 367 -5.39 -31.28 -16.17
CA ARG A 367 -4.37 -31.79 -15.19
C ARG A 367 -4.99 -31.85 -13.79
N VAL A 368 -5.81 -30.84 -13.43
CA VAL A 368 -6.48 -30.81 -12.10
C VAL A 368 -7.43 -32.00 -12.03
N ALA A 369 -8.20 -32.23 -13.10
CA ALA A 369 -9.15 -33.37 -13.15
C ALA A 369 -8.37 -34.69 -13.04
N ASP A 370 -7.19 -34.78 -13.69
CA ASP A 370 -6.36 -36.01 -13.62
C ASP A 370 -5.95 -36.27 -12.17
N LEU A 371 -5.48 -35.22 -11.46
CA LEU A 371 -5.09 -35.37 -10.03
C LEU A 371 -6.25 -35.95 -9.23
N LEU A 372 -7.48 -35.47 -9.49
CA LEU A 372 -8.68 -35.95 -8.76
C LEU A 372 -8.91 -37.45 -9.02
N LEU A 373 -8.76 -37.89 -10.27
CA LEU A 373 -8.96 -39.32 -10.66
C LEU A 373 -7.89 -40.22 -10.03
N LYS A 374 -6.70 -39.69 -9.71
CA LYS A 374 -5.60 -40.54 -9.14
C LYS A 374 -5.76 -40.69 -7.61
N ARG A 375 -6.93 -40.36 -7.07
CA ARG A 375 -7.18 -40.49 -5.61
C ARG A 375 -7.83 -41.85 -5.34
N LYS A 376 -7.54 -42.44 -4.18
CA LYS A 376 -8.09 -43.74 -3.74
C LYS A 376 -9.62 -43.65 -3.56
N PRO B 32 -16.67 21.24 22.93
CA PRO B 32 -16.98 20.23 21.91
C PRO B 32 -18.00 19.16 22.38
N ILE B 33 -19.01 19.57 23.17
CA ILE B 33 -20.01 18.63 23.75
C ILE B 33 -20.68 17.77 22.66
N GLU B 34 -21.16 18.35 21.56
CA GLU B 34 -21.82 17.53 20.50
C GLU B 34 -20.85 16.48 19.96
N SER B 35 -19.57 16.84 19.73
CA SER B 35 -18.55 15.90 19.20
C SER B 35 -18.16 14.88 20.27
N ILE B 36 -18.03 15.32 21.52
CA ILE B 36 -17.65 14.39 22.63
C ILE B 36 -18.75 13.34 22.79
N GLN B 37 -20.01 13.77 22.75
CA GLN B 37 -21.20 12.89 22.88
C GLN B 37 -21.19 11.86 21.72
N GLN B 38 -20.86 12.30 20.52
CA GLN B 38 -20.84 11.36 19.36
C GLN B 38 -19.71 10.35 19.56
N PHE B 39 -18.55 10.83 20.03
CA PHE B 39 -17.37 9.95 20.24
C PHE B 39 -17.63 8.87 21.30
N VAL B 40 -18.16 9.25 22.46
CA VAL B 40 -18.43 8.24 23.54
C VAL B 40 -19.51 7.28 23.05
N GLN B 41 -20.49 7.75 22.28
CA GLN B 41 -21.58 6.84 21.78
C GLN B 41 -20.94 5.74 20.93
N ILE B 42 -20.10 6.15 19.97
CA ILE B 42 -19.40 5.22 19.04
C ILE B 42 -18.47 4.30 19.85
N TYR B 43 -17.75 4.86 20.82
CA TYR B 43 -16.83 4.06 21.68
C TYR B 43 -17.63 2.92 22.31
N GLY B 44 -18.80 3.25 22.87
CA GLY B 44 -19.69 2.27 23.52
C GLY B 44 -20.14 1.19 22.55
N ILE B 45 -20.56 1.58 21.35
CA ILE B 45 -21.02 0.59 20.33
C ILE B 45 -19.85 -0.35 19.99
N VAL B 46 -18.65 0.20 19.83
CA VAL B 46 -17.44 -0.61 19.49
C VAL B 46 -17.14 -1.57 20.64
N ARG B 47 -17.03 -1.03 21.85
CA ARG B 47 -16.71 -1.86 23.02
C ARG B 47 -17.74 -2.98 23.21
N ASP B 48 -19.02 -2.69 22.97
CA ASP B 48 -20.10 -3.68 23.28
C ASP B 48 -20.43 -4.61 22.11
N ASN B 49 -20.09 -4.29 20.86
CA ASN B 49 -20.50 -5.20 19.77
C ASN B 49 -19.33 -5.71 18.92
N TYR B 50 -18.09 -5.25 19.15
CA TYR B 50 -17.02 -5.79 18.27
C TYR B 50 -16.88 -7.30 18.56
N VAL B 51 -16.62 -8.09 17.51
CA VAL B 51 -16.49 -9.57 17.63
C VAL B 51 -15.59 -9.92 18.82
N ASP B 52 -14.49 -9.19 19.01
CA ASP B 52 -13.53 -9.44 20.11
C ASP B 52 -13.69 -8.37 21.20
N GLU B 53 -13.59 -8.79 22.46
CA GLU B 53 -13.69 -7.80 23.55
C GLU B 53 -12.33 -7.12 23.64
N LYS B 54 -12.29 -5.80 23.47
CA LYS B 54 -10.99 -5.07 23.56
C LYS B 54 -10.95 -4.24 24.85
N SER B 55 -9.73 -4.01 25.36
CA SER B 55 -9.55 -3.22 26.61
C SER B 55 -9.73 -1.72 26.28
N ASP B 56 -10.07 -0.93 27.29
CA ASP B 56 -10.24 0.54 27.10
C ASP B 56 -8.89 1.12 26.67
N ASP B 57 -7.81 0.60 27.23
CA ASP B 57 -6.45 1.10 26.90
C ASP B 57 -6.18 0.88 25.40
N ALA B 58 -6.62 -0.27 24.86
CA ALA B 58 -6.41 -0.57 23.43
C ALA B 58 -7.33 0.28 22.55
N LEU B 59 -8.57 0.53 22.99
CA LEU B 59 -9.51 1.34 22.18
C LEU B 59 -9.02 2.81 22.14
N PHE B 60 -8.67 3.40 23.28
CA PHE B 60 -8.15 4.80 23.27
C PHE B 60 -6.87 4.86 22.43
N LEU B 61 -6.02 3.82 22.50
CA LEU B 61 -4.77 3.88 21.71
C LEU B 61 -5.14 3.93 20.21
N GLN B 62 -6.15 3.19 19.77
CA GLN B 62 -6.59 3.21 18.33
C GLN B 62 -7.16 4.60 18.01
N ALA B 63 -7.85 5.21 18.97
CA ALA B 63 -8.43 6.56 18.78
C ALA B 63 -7.29 7.57 18.68
N ILE B 64 -6.27 7.44 19.53
CA ILE B 64 -5.09 8.35 19.51
C ILE B 64 -4.37 8.22 18.16
N LYS B 65 -4.15 7.00 17.68
CA LYS B 65 -3.45 6.82 16.38
C LYS B 65 -4.21 7.55 15.26
N GLY B 66 -5.54 7.46 15.24
CA GLY B 66 -6.33 8.13 14.17
C GLY B 66 -6.32 9.64 14.34
N LEU B 67 -6.34 10.10 15.59
CA LEU B 67 -6.30 11.55 15.88
C LEU B 67 -5.00 12.16 15.36
N VAL B 68 -3.86 11.55 15.67
CA VAL B 68 -2.54 12.13 15.27
C VAL B 68 -2.17 11.75 13.82
N SER B 69 -2.32 10.48 13.42
CA SER B 69 -1.94 10.10 12.03
C SER B 69 -2.91 10.68 11.00
N GLY B 70 -4.12 11.06 11.44
CA GLY B 70 -5.13 11.65 10.53
C GLY B 70 -4.79 13.09 10.12
N LEU B 71 -3.74 13.67 10.70
CA LEU B 71 -3.30 15.07 10.41
C LEU B 71 -2.56 15.10 9.07
N ASP B 72 -1.57 14.24 8.90
CA ASP B 72 -0.78 14.15 7.64
C ASP B 72 -0.02 12.81 7.62
N ARG B 73 0.74 12.54 6.57
CA ARG B 73 1.45 11.24 6.44
C ARG B 73 2.75 11.21 7.25
N TYR B 74 3.02 12.19 8.12
CA TYR B 74 4.29 12.17 8.89
C TYR B 74 4.03 12.30 10.39
N SER B 75 2.82 12.69 10.77
CA SER B 75 2.51 12.85 12.22
C SER B 75 2.04 11.50 12.78
N ARG B 76 2.44 11.19 14.01
CA ARG B 76 2.03 9.89 14.60
C ARG B 76 2.37 9.82 16.10
N TYR B 77 1.73 8.85 16.76
CA TYR B 77 1.97 8.51 18.18
C TYR B 77 3.19 7.59 18.24
N LEU B 78 4.08 7.83 19.20
CA LEU B 78 5.28 6.97 19.38
C LEU B 78 5.14 6.22 20.70
N SER B 79 5.35 4.90 20.68
CA SER B 79 5.30 4.12 21.94
C SER B 79 6.54 4.52 22.74
N ALA B 80 6.53 4.28 24.05
CA ALA B 80 7.69 4.65 24.90
C ALA B 80 8.99 4.15 24.28
N GLU B 81 8.95 2.99 23.63
CA GLU B 81 10.21 2.42 23.04
C GLU B 81 10.54 3.14 21.74
N GLU B 82 9.55 3.37 20.87
CA GLU B 82 9.79 4.08 19.58
C GLU B 82 10.39 5.46 19.88
N TYR B 83 9.97 6.07 21.00
CA TYR B 83 10.48 7.41 21.39
C TYR B 83 11.93 7.29 21.90
N ARG B 84 12.20 6.34 22.79
CA ARG B 84 13.57 6.13 23.32
C ARG B 84 14.55 5.91 22.15
N GLN B 85 14.10 5.18 21.12
CA GLN B 85 14.94 4.87 19.94
C GLN B 85 15.18 6.13 19.09
N LEU B 86 14.13 6.94 18.88
CA LEU B 86 14.20 8.15 18.02
C LEU B 86 15.07 9.26 18.63
N ILE B 87 15.13 9.37 19.96
CA ILE B 87 15.98 10.41 20.63
C ILE B 87 17.47 10.13 20.37
N GLN B 88 17.83 8.87 20.13
CA GLN B 88 19.25 8.50 19.89
C GLN B 88 19.73 9.16 18.59
N TYR B 89 18.86 9.31 17.60
CA TYR B 89 19.27 9.91 16.31
C TYR B 89 19.16 11.44 16.37
N THR B 90 20.01 12.13 15.61
CA THR B 90 19.92 13.60 15.46
C THR B 90 18.97 13.86 14.29
N GLU B 91 18.09 14.85 14.39
CA GLU B 91 17.10 15.09 13.32
C GLU B 91 17.83 15.47 12.01
N GLY B 92 17.40 14.88 10.90
CA GLY B 92 17.95 15.19 9.56
C GLY B 92 19.34 14.60 9.30
N ASP B 93 19.66 13.44 9.86
CA ASP B 93 20.98 12.84 9.53
C ASP B 93 20.78 11.85 8.39
N LEU B 94 21.79 11.68 7.54
CA LEU B 94 21.68 10.67 6.45
C LEU B 94 21.86 9.30 7.11
N ALA B 95 21.09 8.31 6.69
CA ALA B 95 21.23 6.99 7.32
C ALA B 95 20.94 5.86 6.33
N SER B 96 21.32 4.64 6.74
CA SER B 96 21.08 3.39 5.97
C SER B 96 20.67 2.30 6.97
N VAL B 97 20.63 1.06 6.50
CA VAL B 97 20.25 -0.10 7.36
C VAL B 97 21.49 -0.53 8.18
N ASP B 98 21.25 -1.39 9.19
CA ASP B 98 22.29 -1.89 10.14
C ASP B 98 23.12 -3.00 9.50
N PHE B 99 23.40 -2.91 8.19
CA PHE B 99 24.21 -3.92 7.47
C PHE B 99 24.61 -3.36 6.08
N VAL B 100 25.42 -4.12 5.34
CA VAL B 100 25.86 -3.67 3.98
C VAL B 100 25.56 -4.78 2.95
N LEU B 101 25.51 -4.39 1.68
CA LEU B 101 25.28 -5.32 0.56
C LEU B 101 26.52 -5.29 -0.35
N SER B 102 26.99 -6.47 -0.74
CA SER B 102 28.20 -6.60 -1.61
C SER B 102 27.93 -7.67 -2.66
N PRO B 103 28.30 -7.41 -3.94
CA PRO B 103 28.06 -8.35 -5.01
C PRO B 103 29.02 -9.53 -4.99
N GLU B 104 28.49 -10.76 -5.02
CA GLU B 104 29.34 -11.97 -5.01
C GLU B 104 28.81 -12.97 -6.05
N SER B 105 28.99 -12.64 -7.33
CA SER B 105 28.57 -13.44 -8.52
C SER B 105 27.06 -13.38 -8.70
N LYS B 109 24.70 -10.95 -7.45
CA LYS B 109 23.84 -11.30 -6.28
C LYS B 109 24.27 -10.43 -5.10
N TRP B 110 23.38 -9.56 -4.61
CA TRP B 110 23.68 -8.67 -3.46
C TRP B 110 23.39 -9.42 -2.15
N MSE B 111 24.47 -9.76 -1.44
CA MSE B 111 24.39 -10.51 -0.19
C MSE B 111 24.57 -9.59 1.00
O MSE B 111 25.31 -8.62 0.95
CB MSE B 111 25.49 -11.56 -0.15
CG MSE B 111 25.42 -12.62 -1.24
SE MSE B 111 26.34 -14.23 -0.62
CE MSE B 111 27.44 -13.76 0.95
N ILE B 112 23.90 -9.95 2.10
CA ILE B 112 23.97 -9.21 3.35
C ILE B 112 25.28 -9.54 4.07
N ARG B 113 25.95 -8.52 4.61
CA ARG B 113 27.20 -8.72 5.38
C ARG B 113 27.29 -7.65 6.47
N ASP B 114 28.08 -7.94 7.51
CA ASP B 114 28.35 -7.04 8.65
C ASP B 114 27.11 -6.90 9.55
N LEU B 115 26.09 -7.77 9.38
CA LEU B 115 24.87 -7.74 10.24
C LEU B 115 25.28 -8.19 11.65
N LYS B 116 25.05 -7.35 12.64
CA LYS B 116 25.42 -7.66 14.04
C LYS B 116 24.29 -8.46 14.70
N THR B 117 24.67 -9.49 15.47
CA THR B 117 23.70 -10.36 16.20
C THR B 117 22.95 -9.49 17.20
N GLY B 118 21.61 -9.62 17.27
CA GLY B 118 20.78 -8.85 18.21
C GLY B 118 20.25 -7.56 17.62
N SER B 119 20.72 -7.17 16.44
CA SER B 119 20.26 -5.93 15.77
C SER B 119 18.78 -6.10 15.37
N ASP B 120 18.09 -4.99 15.12
CA ASP B 120 16.66 -5.01 14.72
C ASP B 120 16.48 -5.89 13.46
N SER B 121 17.40 -5.82 12.50
CA SER B 121 17.29 -6.66 11.28
C SER B 121 17.48 -8.14 11.63
N TYR B 122 18.39 -8.45 12.56
CA TYR B 122 18.63 -9.85 12.96
C TYR B 122 17.33 -10.41 13.57
N LYS B 123 16.67 -9.61 14.43
CA LYS B 123 15.40 -10.03 15.10
C LYS B 123 14.30 -10.29 14.07
N LEU B 124 14.32 -9.55 12.96
CA LEU B 124 13.27 -9.72 11.91
C LEU B 124 13.53 -10.96 11.05
N GLY B 125 14.75 -11.51 11.04
CA GLY B 125 15.02 -12.75 10.28
C GLY B 125 16.18 -12.64 9.32
N LEU B 126 16.70 -11.43 9.10
CA LEU B 126 17.84 -11.30 8.16
C LEU B 126 19.08 -11.92 8.78
N ARG B 127 19.95 -12.48 7.94
CA ARG B 127 21.21 -13.13 8.36
C ARG B 127 22.30 -12.86 7.32
N ASN B 128 23.55 -12.77 7.76
CA ASN B 128 24.69 -12.59 6.84
C ASN B 128 24.66 -13.77 5.86
N GLY B 129 24.86 -13.51 4.56
CA GLY B 129 24.81 -14.60 3.56
C GLY B 129 23.52 -14.57 2.76
N GLN B 130 22.40 -14.16 3.37
CA GLN B 130 21.11 -14.06 2.65
C GLN B 130 21.27 -13.08 1.49
N THR B 131 20.51 -13.26 0.40
CA THR B 131 20.62 -12.33 -0.75
C THR B 131 19.37 -11.46 -0.81
N ILE B 132 19.53 -10.17 -1.13
CA ILE B 132 18.36 -9.25 -1.27
C ILE B 132 18.13 -9.06 -2.77
N LEU B 133 16.92 -9.39 -3.22
CA LEU B 133 16.53 -9.31 -4.66
C LEU B 133 15.89 -7.94 -4.96
N LYS B 134 15.11 -7.40 -4.02
CA LYS B 134 14.40 -6.11 -4.27
C LYS B 134 14.42 -5.19 -3.05
N ILE B 135 14.34 -3.88 -3.31
CA ILE B 135 14.24 -2.81 -2.28
C ILE B 135 13.14 -1.87 -2.78
N ASP B 136 11.99 -1.82 -2.10
CA ASP B 136 10.85 -0.98 -2.53
C ASP B 136 10.42 -1.41 -3.95
N ASN B 137 10.25 -2.73 -4.14
CA ASN B 137 9.81 -3.38 -5.41
C ASN B 137 10.82 -3.19 -6.55
N GLN B 138 12.06 -2.77 -6.28
CA GLN B 138 13.04 -2.55 -7.37
C GLN B 138 14.15 -3.62 -7.30
N GLU B 139 14.27 -4.42 -8.36
CA GLU B 139 15.28 -5.50 -8.46
C GLU B 139 16.70 -4.88 -8.42
N LEU B 140 17.61 -5.54 -7.69
CA LEU B 140 19.00 -5.04 -7.58
C LEU B 140 19.85 -5.61 -8.73
N LYS B 141 19.27 -6.49 -9.55
CA LYS B 141 20.07 -7.02 -10.68
C LYS B 141 20.35 -5.85 -11.64
N ASN B 142 21.59 -5.75 -12.12
CA ASN B 142 22.01 -4.71 -13.11
C ASN B 142 22.26 -3.34 -12.47
N LEU B 143 22.08 -3.19 -11.17
CA LEU B 143 22.33 -1.86 -10.53
C LEU B 143 23.78 -1.77 -10.08
N THR B 144 24.32 -0.55 -10.05
CA THR B 144 25.71 -0.31 -9.57
C THR B 144 25.69 -0.21 -8.04
N HIS B 145 26.86 -0.23 -7.42
CA HIS B 145 26.93 -0.10 -5.93
C HIS B 145 26.25 1.23 -5.53
N ASP B 146 26.38 2.27 -6.36
CA ASP B 146 25.78 3.62 -6.11
C ASP B 146 24.24 3.57 -6.20
N GLN B 147 23.72 2.90 -7.23
CA GLN B 147 22.24 2.81 -7.40
C GLN B 147 21.64 2.04 -6.22
N VAL B 148 22.39 1.10 -5.65
CA VAL B 148 21.91 0.31 -4.47
C VAL B 148 21.91 1.26 -3.26
N LEU B 149 23.00 1.99 -3.05
CA LEU B 149 23.05 2.96 -1.91
C LEU B 149 21.92 3.98 -2.08
N GLY B 150 21.57 4.32 -3.33
CA GLY B 150 20.49 5.29 -3.59
C GLY B 150 19.16 4.83 -3.00
N LEU B 151 18.93 3.51 -2.99
CA LEU B 151 17.70 2.88 -2.45
C LEU B 151 17.86 2.63 -0.94
N LEU B 152 19.09 2.31 -0.51
CA LEU B 152 19.36 2.03 0.93
C LEU B 152 19.39 3.32 1.76
N TYR B 153 19.94 4.39 1.21
CA TYR B 153 20.10 5.71 1.91
C TYR B 153 18.75 6.45 2.01
N GLY B 154 18.63 7.25 3.07
CA GLY B 154 17.42 8.05 3.34
C GLY B 154 17.52 8.75 4.69
N SER B 155 16.52 9.56 5.03
CA SER B 155 16.55 10.28 6.32
C SER B 155 16.55 9.26 7.45
N ILE B 156 17.29 9.53 8.52
CA ILE B 156 17.33 8.57 9.67
C ILE B 156 15.91 8.44 10.25
N GLY B 157 15.50 7.22 10.60
CA GLY B 157 14.13 6.97 11.13
C GLY B 157 13.20 6.53 10.02
N SER B 158 13.59 6.75 8.76
CA SER B 158 12.77 6.40 7.56
C SER B 158 12.65 4.87 7.42
N THR B 159 11.70 4.44 6.59
CA THR B 159 11.37 3.02 6.33
C THR B 159 11.65 2.59 4.89
N LEU B 160 11.93 1.29 4.70
CA LEU B 160 12.17 0.69 3.35
C LEU B 160 11.81 -0.80 3.44
N GLN B 161 11.37 -1.39 2.32
CA GLN B 161 11.00 -2.84 2.27
C GLN B 161 12.09 -3.62 1.54
N VAL B 162 12.32 -4.85 1.96
CA VAL B 162 13.34 -5.72 1.30
C VAL B 162 12.75 -7.11 1.08
N GLN B 163 13.08 -7.71 -0.06
CA GLN B 163 12.65 -9.08 -0.43
C GLN B 163 13.92 -9.91 -0.46
N THR B 164 14.02 -10.93 0.40
CA THR B 164 15.21 -11.81 0.38
C THR B 164 14.89 -13.05 -0.45
N GLU B 165 15.90 -13.68 -1.04
CA GLU B 165 15.69 -14.91 -1.85
C GLU B 165 15.18 -16.02 -0.92
N GLU B 166 15.61 -16.00 0.34
CA GLU B 166 15.20 -16.99 1.38
C GLU B 166 13.72 -16.78 1.73
N SER B 167 13.41 -15.71 2.49
CA SER B 167 12.00 -15.40 2.88
C SER B 167 11.12 -15.23 1.63
N ASN B 168 9.86 -15.70 1.71
CA ASN B 168 8.87 -15.61 0.60
C ASN B 168 8.05 -14.33 0.69
N SER B 169 8.23 -13.54 1.76
CA SER B 169 7.47 -12.28 1.96
C SER B 169 8.39 -11.08 2.19
N PRO B 170 7.93 -9.83 1.91
CA PRO B 170 8.75 -8.64 2.14
C PRO B 170 8.95 -8.37 3.63
N ILE B 171 9.90 -7.48 3.97
CA ILE B 171 10.22 -7.15 5.38
C ILE B 171 10.46 -5.64 5.49
N SER B 172 9.82 -4.99 6.47
CA SER B 172 9.97 -3.53 6.69
C SER B 172 11.18 -3.29 7.63
N LEU B 173 12.13 -2.45 7.20
CA LEU B 173 13.35 -2.11 7.98
C LEU B 173 13.38 -0.60 8.24
N VAL B 174 14.18 -0.18 9.21
CA VAL B 174 14.29 1.27 9.55
C VAL B 174 15.74 1.72 9.33
N ARG B 175 15.93 2.83 8.61
CA ARG B 175 17.30 3.37 8.42
C ARG B 175 17.71 3.94 9.78
N ASN B 176 18.37 3.11 10.59
CA ASN B 176 18.79 3.52 11.97
C ASN B 176 20.31 3.69 12.08
N LYS B 177 21.06 3.55 10.97
CA LYS B 177 22.54 3.68 11.06
C LYS B 177 23.00 4.95 10.34
N LYS B 178 23.45 5.94 11.12
CA LYS B 178 23.99 7.23 10.62
C LYS B 178 25.11 6.95 9.61
N ILE B 179 25.16 7.74 8.53
CA ILE B 179 26.22 7.59 7.48
C ILE B 179 26.95 8.92 7.32
N GLU B 180 28.24 8.96 7.65
CA GLU B 180 29.07 10.18 7.47
C GLU B 180 29.28 10.41 5.97
N THR B 181 29.25 11.66 5.53
CA THR B 181 29.45 11.99 4.08
C THR B 181 30.16 13.33 3.94
N ASP B 182 30.75 13.52 2.76
CA ASP B 182 31.46 14.74 2.33
C ASP B 182 31.02 15.01 0.89
N ILE B 183 31.11 16.25 0.44
CA ILE B 183 30.73 16.51 -0.97
C ILE B 183 31.70 15.69 -1.84
N GLU B 184 31.16 15.04 -2.88
CA GLU B 184 32.00 14.21 -3.79
C GLU B 184 32.15 14.96 -5.10
N PRO B 185 33.29 15.64 -5.32
CA PRO B 185 33.52 16.41 -6.54
C PRO B 185 34.10 15.60 -7.70
N VAL B 186 33.68 15.92 -8.91
CA VAL B 186 34.14 15.23 -10.15
C VAL B 186 34.22 16.26 -11.27
N MSE B 187 35.41 16.37 -11.89
CA MSE B 187 35.58 17.30 -12.99
C MSE B 187 35.34 16.54 -14.29
O MSE B 187 36.04 15.57 -14.57
CB MSE B 187 36.98 17.94 -12.93
CG MSE B 187 37.21 19.02 -13.98
SE MSE B 187 36.00 20.56 -13.74
CE MSE B 187 36.84 21.69 -12.37
N LEU B 188 34.33 16.97 -15.06
CA LEU B 188 33.99 16.32 -16.31
C LEU B 188 34.83 16.88 -17.45
N HIS B 189 35.02 16.09 -18.51
CA HIS B 189 35.82 16.51 -19.69
C HIS B 189 35.34 17.86 -20.24
N ASN B 190 34.03 18.12 -20.17
CA ASN B 190 33.47 19.39 -20.71
C ASN B 190 33.74 20.56 -19.75
N GLN B 191 34.57 20.35 -18.72
CA GLN B 191 34.97 21.40 -17.74
C GLN B 191 33.82 21.80 -16.83
N VAL B 192 32.88 20.88 -16.58
CA VAL B 192 31.75 21.16 -15.66
C VAL B 192 32.07 20.45 -14.34
N LEU B 193 32.12 21.19 -13.24
CA LEU B 193 32.42 20.60 -11.91
C LEU B 193 31.13 20.06 -11.30
N VAL B 194 31.07 18.74 -11.07
CA VAL B 194 29.88 18.11 -10.45
C VAL B 194 30.13 17.98 -8.94
N LEU B 195 29.26 18.57 -8.12
CA LEU B 195 29.36 18.45 -6.65
C LEU B 195 28.23 17.55 -6.17
N LYS B 196 28.55 16.31 -5.77
CA LYS B 196 27.48 15.39 -5.32
C LYS B 196 27.26 15.62 -3.82
N ILE B 197 26.08 16.13 -3.46
CA ILE B 197 25.70 16.42 -2.06
C ILE B 197 24.62 15.42 -1.66
N ARG B 198 24.99 14.38 -0.91
CA ARG B 198 24.02 13.33 -0.49
C ARG B 198 23.13 13.88 0.62
N VAL B 199 23.57 14.91 1.34
CA VAL B 199 22.75 15.51 2.43
C VAL B 199 23.39 16.84 2.85
N PHE B 200 22.54 17.82 3.20
CA PHE B 200 23.02 19.13 3.70
C PHE B 200 23.36 18.98 5.19
N GLN B 201 24.60 19.32 5.54
CA GLN B 201 25.19 19.25 6.90
C GLN B 201 25.66 20.65 7.30
N GLN B 202 26.05 20.82 8.56
CA GLN B 202 26.53 22.15 9.04
C GLN B 202 27.60 22.74 8.12
N ASP B 203 28.55 21.93 7.63
CA ASP B 203 29.68 22.43 6.81
C ASP B 203 29.43 22.38 5.29
N THR B 204 28.22 22.03 4.83
CA THR B 204 27.98 21.94 3.36
C THR B 204 28.29 23.25 2.64
N ALA B 205 27.72 24.38 3.07
CA ALA B 205 27.98 25.68 2.39
C ALA B 205 29.49 25.97 2.32
N ASN B 206 30.21 25.91 3.44
CA ASN B 206 31.68 26.18 3.39
C ASN B 206 32.39 25.22 2.46
N GLU B 207 31.89 23.98 2.36
CA GLU B 207 32.55 22.94 1.54
C GLU B 207 32.27 23.21 0.05
N ILE B 208 31.09 23.75 -0.29
CA ILE B 208 30.77 24.11 -1.70
C ILE B 208 31.74 25.23 -2.13
N LYS B 209 31.85 26.26 -1.29
CA LYS B 209 32.75 27.43 -1.45
C LYS B 209 34.17 26.94 -1.76
N ARG B 210 34.67 26.04 -0.90
CA ARG B 210 36.05 25.51 -1.00
C ARG B 210 36.25 24.69 -2.28
N LEU B 211 35.34 23.77 -2.58
CA LEU B 211 35.51 22.90 -3.79
C LEU B 211 35.42 23.74 -5.07
N ILE B 212 34.54 24.75 -5.11
CA ILE B 212 34.43 25.61 -6.32
C ILE B 212 35.73 26.41 -6.48
N GLU B 213 36.20 27.02 -5.38
CA GLU B 213 37.43 27.87 -5.41
C GLU B 213 38.67 27.02 -5.72
N GLU B 214 38.78 25.85 -5.11
CA GLU B 214 39.94 24.94 -5.29
C GLU B 214 40.00 24.43 -6.74
N ASN B 215 38.89 24.52 -7.47
CA ASN B 215 38.81 24.07 -8.90
C ASN B 215 38.45 25.25 -9.82
N SER B 216 38.33 26.45 -9.24
CA SER B 216 37.94 27.66 -10.01
C SER B 216 39.15 28.17 -10.79
N SER B 217 38.92 28.60 -12.03
CA SER B 217 39.95 29.14 -12.96
C SER B 217 39.27 29.58 -14.26
N SER B 218 40.05 30.03 -15.24
CA SER B 218 39.51 30.47 -16.55
C SER B 218 38.87 29.27 -17.28
N ARG B 219 39.20 28.05 -16.85
CA ARG B 219 38.74 26.79 -17.48
C ARG B 219 37.35 26.37 -16.96
N LEU B 220 37.06 26.60 -15.69
CA LEU B 220 35.75 26.19 -15.10
C LEU B 220 34.59 26.85 -15.88
N LYS B 221 33.73 26.02 -16.50
CA LYS B 221 32.57 26.47 -17.33
C LYS B 221 31.31 26.62 -16.48
N ALA B 222 31.02 25.62 -15.64
CA ALA B 222 29.81 25.68 -14.79
C ALA B 222 29.92 24.67 -13.65
N VAL B 223 28.99 24.78 -12.69
CA VAL B 223 28.94 23.88 -11.50
C VAL B 223 27.59 23.16 -11.52
N LEU B 224 27.63 21.83 -11.47
CA LEU B 224 26.42 20.99 -11.45
C LEU B 224 26.27 20.39 -10.05
N ILE B 225 25.22 20.79 -9.34
CA ILE B 225 24.96 20.30 -7.96
C ILE B 225 24.02 19.09 -8.06
N ASP B 226 24.56 17.89 -7.80
CA ASP B 226 23.78 16.63 -7.86
C ASP B 226 23.12 16.40 -6.50
N LEU B 227 21.80 16.60 -6.43
CA LEU B 227 21.00 16.44 -5.19
C LEU B 227 20.11 15.19 -5.30
N ARG B 228 20.38 14.30 -6.24
CA ARG B 228 19.54 13.07 -6.38
C ARG B 228 19.68 12.23 -5.11
N ASN B 229 18.58 11.63 -4.65
CA ASN B 229 18.61 10.76 -3.44
C ASN B 229 18.98 11.55 -2.19
N ASN B 230 18.99 12.89 -2.26
CA ASN B 230 19.32 13.71 -1.06
C ASN B 230 18.04 13.90 -0.26
N PRO B 231 17.91 13.27 0.93
CA PRO B 231 16.69 13.34 1.72
C PRO B 231 16.51 14.67 2.46
N GLY B 232 17.53 15.53 2.43
CA GLY B 232 17.38 16.84 3.09
C GLY B 232 18.54 17.21 3.98
N GLY B 233 18.40 16.96 5.28
CA GLY B 233 19.47 17.36 6.22
C GLY B 233 19.06 18.61 6.96
N LEU B 234 20.02 19.49 7.26
CA LEU B 234 19.69 20.74 8.01
C LEU B 234 19.16 21.82 7.08
N LEU B 235 18.03 22.42 7.46
CA LEU B 235 17.41 23.54 6.71
C LEU B 235 18.42 24.69 6.63
N SER B 236 19.04 25.02 7.76
CA SER B 236 20.04 26.11 7.84
C SER B 236 21.16 25.88 6.80
N ALA B 237 21.60 24.64 6.61
CA ALA B 237 22.69 24.36 5.65
C ALA B 237 22.22 24.63 4.21
N ALA B 238 20.96 24.31 3.89
CA ALA B 238 20.43 24.56 2.53
C ALA B 238 20.31 26.07 2.31
N VAL B 239 19.81 26.79 3.32
CA VAL B 239 19.68 28.28 3.26
C VAL B 239 21.07 28.90 3.07
N GLU B 240 22.05 28.49 3.88
CA GLU B 240 23.43 29.04 3.73
C GLU B 240 23.95 28.71 2.33
N SER B 241 23.70 27.47 1.87
CA SER B 241 24.19 27.03 0.54
C SER B 241 23.59 27.92 -0.57
N ALA B 242 22.30 28.22 -0.48
CA ALA B 242 21.62 29.08 -1.49
C ALA B 242 22.12 30.52 -1.40
N ASP B 243 22.41 30.98 -0.18
CA ASP B 243 22.87 32.36 0.08
C ASP B 243 24.23 32.58 -0.60
N LEU B 244 24.96 31.50 -0.90
CA LEU B 244 26.28 31.67 -1.58
C LEU B 244 26.07 32.25 -2.98
N PHE B 245 24.93 31.92 -3.60
CA PHE B 245 24.64 32.28 -5.02
C PHE B 245 23.55 33.34 -5.17
N LEU B 246 22.99 33.86 -4.07
CA LEU B 246 21.90 34.87 -4.15
C LEU B 246 22.27 36.11 -3.32
N ASN B 247 22.11 37.30 -3.91
CA ASN B 247 22.43 38.59 -3.26
C ASN B 247 21.19 39.20 -2.61
N HIS B 248 19.99 38.73 -2.99
CA HIS B 248 18.75 39.32 -2.44
C HIS B 248 17.57 38.38 -2.67
N GLY B 249 16.43 38.68 -2.05
CA GLY B 249 15.19 37.88 -2.19
C GLY B 249 15.04 36.85 -1.09
N ILE B 250 13.83 36.37 -0.88
CA ILE B 250 13.55 35.33 0.15
C ILE B 250 13.99 33.96 -0.40
N ILE B 251 14.72 33.20 0.42
CA ILE B 251 15.22 31.85 0.04
C ILE B 251 14.13 30.83 0.36
N VAL B 252 13.50 30.99 1.53
CA VAL B 252 12.41 30.07 1.96
C VAL B 252 11.59 30.77 3.05
N SER B 253 10.32 30.40 3.17
CA SER B 253 9.45 30.96 4.22
C SER B 253 8.82 29.79 4.95
N THR B 254 8.52 29.97 6.23
CA THR B 254 7.91 28.91 7.07
C THR B 254 6.59 29.42 7.64
N LYS B 255 5.54 28.61 7.57
CA LYS B 255 4.21 28.92 8.15
C LYS B 255 4.11 28.05 9.41
N SER B 256 4.04 28.66 10.59
CA SER B 256 3.96 27.85 11.85
C SER B 256 3.20 28.61 12.94
N ARG B 257 2.45 27.89 13.77
CA ARG B 257 1.72 28.57 14.89
C ARG B 257 2.59 28.51 16.14
N SER B 258 3.22 27.36 16.38
CA SER B 258 4.07 27.14 17.59
C SER B 258 5.45 27.77 17.41
N GLU B 259 5.92 27.93 16.17
CA GLU B 259 7.29 28.48 15.92
C GLU B 259 7.19 29.88 15.30
N GLY B 260 6.01 30.25 14.77
CA GLY B 260 5.80 31.56 14.14
C GLY B 260 6.17 31.55 12.65
N ASN B 261 5.62 32.52 11.90
CA ASN B 261 5.89 32.62 10.44
C ASN B 261 7.24 33.34 10.21
N GLN B 262 8.28 32.56 9.91
CA GLN B 262 9.61 33.16 9.62
C GLN B 262 9.79 33.27 8.10
N GLN B 263 10.77 34.06 7.67
CA GLN B 263 11.09 34.28 6.24
C GLN B 263 12.59 34.53 6.18
N PHE B 264 13.33 33.60 5.58
CA PHE B 264 14.81 33.72 5.52
C PHE B 264 15.20 34.45 4.23
N GLN B 265 15.85 35.61 4.39
CA GLN B 265 16.26 36.45 3.23
C GLN B 265 17.75 36.21 2.88
N ALA B 266 18.08 36.34 1.59
CA ALA B 266 19.48 36.21 1.11
C ALA B 266 20.24 37.47 1.50
N LEU B 267 21.57 37.48 1.38
CA LEU B 267 22.38 38.68 1.75
C LEU B 267 23.37 39.04 0.65
N PRO B 268 23.75 40.33 0.50
CA PRO B 268 24.72 40.74 -0.52
C PRO B 268 26.09 40.02 -0.39
N GLY B 269 26.76 39.81 -1.51
CA GLY B 269 28.08 39.12 -1.57
C GLY B 269 28.28 38.46 -2.91
N ASN B 270 28.99 39.14 -3.83
CA ASN B 270 29.21 38.64 -5.22
C ASN B 270 30.29 37.53 -5.26
N ASP B 271 30.25 36.59 -4.31
CA ASP B 271 31.24 35.48 -4.28
C ASP B 271 31.06 34.63 -5.53
N PHE B 272 29.81 34.29 -5.86
CA PHE B 272 29.50 33.45 -7.05
C PHE B 272 28.46 34.17 -7.91
N GLN B 273 28.94 35.04 -8.80
CA GLN B 273 28.11 35.86 -9.72
C GLN B 273 28.29 35.39 -11.17
N ASN B 274 29.55 35.24 -11.61
CA ASN B 274 29.85 34.82 -13.02
C ASN B 274 29.87 33.29 -13.16
N ILE B 275 29.40 32.55 -12.14
CA ILE B 275 29.47 31.06 -12.22
C ILE B 275 28.10 30.48 -12.61
N LYS B 276 28.04 29.82 -13.77
CA LYS B 276 26.80 29.17 -14.30
C LYS B 276 26.50 27.97 -13.38
N VAL B 277 25.25 27.78 -12.96
CA VAL B 277 24.96 26.67 -12.02
C VAL B 277 23.78 25.81 -12.49
N GLY B 278 23.91 24.50 -12.29
CA GLY B 278 22.85 23.54 -12.62
C GLY B 278 22.54 22.68 -11.40
N ILE B 279 21.31 22.20 -11.30
CA ILE B 279 20.88 21.31 -10.18
C ILE B 279 20.24 20.07 -10.78
N LEU B 280 20.66 18.90 -10.30
CA LEU B 280 20.11 17.62 -10.78
C LEU B 280 19.30 17.01 -9.64
N ILE B 281 18.01 16.73 -9.85
CA ILE B 281 17.17 16.13 -8.79
C ILE B 281 16.48 14.87 -9.31
N ASN B 282 16.00 14.03 -8.40
CA ASN B 282 15.22 12.82 -8.76
C ASN B 282 14.03 12.77 -7.80
N HIS B 283 13.21 11.73 -7.88
CA HIS B 283 12.00 11.63 -7.03
C HIS B 283 12.38 11.44 -5.55
N ARG B 284 13.66 11.19 -5.24
CA ARG B 284 14.08 11.01 -3.82
C ARG B 284 14.70 12.32 -3.27
N SER B 285 14.82 13.36 -4.10
CA SER B 285 15.35 14.65 -3.59
C SER B 285 14.28 15.24 -2.67
N ALA B 286 14.63 15.56 -1.41
CA ALA B 286 13.55 16.02 -0.50
C ALA B 286 13.99 17.06 0.54
N SER B 287 12.97 17.67 1.16
CA SER B 287 13.08 18.66 2.26
C SER B 287 14.12 19.74 1.97
N ALA B 288 15.16 19.82 2.80
CA ALA B 288 16.19 20.87 2.62
C ALA B 288 16.68 20.88 1.17
N ALA B 289 16.88 19.72 0.55
CA ALA B 289 17.34 19.68 -0.86
C ALA B 289 16.30 20.38 -1.76
N GLU B 290 15.02 20.27 -1.41
CA GLU B 290 13.94 20.93 -2.19
C GLU B 290 13.95 22.44 -1.90
N VAL B 291 14.21 22.81 -0.65
CA VAL B 291 14.27 24.26 -0.29
C VAL B 291 15.38 24.90 -1.13
N PHE B 292 16.59 24.34 -1.06
CA PHE B 292 17.73 24.86 -1.86
C PHE B 292 17.35 24.91 -3.35
N THR B 293 16.86 23.78 -3.89
CA THR B 293 16.49 23.69 -5.33
C THR B 293 15.48 24.78 -5.70
N ALA B 294 14.41 24.91 -4.91
CA ALA B 294 13.34 25.91 -5.18
C ALA B 294 13.90 27.33 -5.15
N ALA B 295 14.70 27.65 -4.13
CA ALA B 295 15.28 29.01 -4.01
C ALA B 295 16.10 29.36 -5.25
N MSE B 296 16.97 28.44 -5.67
CA MSE B 296 17.84 28.67 -6.82
C MSE B 296 17.04 28.74 -8.12
O MSE B 296 17.37 29.51 -9.01
CB MSE B 296 18.89 27.57 -6.88
CG MSE B 296 19.75 27.49 -5.64
SE MSE B 296 21.06 28.94 -5.63
CE MSE B 296 22.30 28.33 -7.03
N LYS B 297 15.98 27.92 -8.22
CA LYS B 297 15.16 27.90 -9.43
C LYS B 297 14.26 29.12 -9.54
N GLU B 298 13.51 29.45 -8.49
CA GLU B 298 12.52 30.58 -8.54
C GLU B 298 13.24 31.93 -8.63
N HIS B 299 14.51 32.03 -8.24
CA HIS B 299 15.26 33.30 -8.42
C HIS B 299 16.03 33.20 -9.75
N GLN B 300 15.73 32.17 -10.55
CA GLN B 300 16.35 31.93 -11.88
C GLN B 300 17.87 32.02 -11.76
N ARG B 301 18.45 31.38 -10.74
CA ARG B 301 19.91 31.42 -10.53
C ARG B 301 20.52 30.11 -11.01
N ALA B 302 19.72 29.04 -11.09
CA ALA B 302 20.25 27.73 -11.52
C ALA B 302 19.23 27.01 -12.41
N TRP B 303 19.74 26.29 -13.41
CA TRP B 303 18.88 25.50 -14.34
C TRP B 303 18.70 24.12 -13.70
N VAL B 304 17.47 23.78 -13.35
CA VAL B 304 17.17 22.49 -12.65
C VAL B 304 16.72 21.44 -13.67
N MSE B 305 17.44 20.31 -13.69
CA MSE B 305 17.14 19.21 -14.58
C MSE B 305 16.90 17.94 -13.75
O MSE B 305 17.25 17.88 -12.57
CB MSE B 305 18.29 19.00 -15.56
CG MSE B 305 18.57 20.17 -16.47
SE MSE B 305 20.47 20.22 -16.93
CE MSE B 305 21.47 20.72 -15.31
N GLY B 306 16.28 16.94 -14.38
CA GLY B 306 15.98 15.67 -13.74
C GLY B 306 14.49 15.39 -13.73
N GLU B 307 13.96 14.94 -12.59
CA GLU B 307 12.50 14.66 -12.46
C GLU B 307 11.98 15.35 -11.19
N LYS B 308 10.66 15.54 -11.12
CA LYS B 308 9.99 16.20 -9.97
C LYS B 308 10.53 15.64 -8.65
N SER B 309 10.76 16.53 -7.66
CA SER B 309 11.28 16.12 -6.34
C SER B 309 10.20 15.38 -5.53
N TYR B 310 10.57 14.81 -4.38
CA TYR B 310 9.68 13.97 -3.54
C TYR B 310 8.42 14.71 -3.08
N GLY B 311 8.56 15.96 -2.67
CA GLY B 311 7.42 16.75 -2.16
C GLY B 311 7.28 16.66 -0.65
N LYS B 312 8.38 16.83 0.09
CA LYS B 312 8.33 16.80 1.58
C LYS B 312 8.84 18.14 2.11
N GLY B 313 7.95 18.98 2.64
CA GLY B 313 8.30 20.32 3.17
C GLY B 313 7.69 20.54 4.54
N VAL B 314 8.11 19.74 5.51
CA VAL B 314 7.55 19.84 6.88
C VAL B 314 8.68 19.92 7.91
N VAL B 315 8.38 20.58 9.02
CA VAL B 315 9.28 20.68 10.19
C VAL B 315 8.53 19.92 11.29
N GLN B 316 9.14 18.87 11.85
CA GLN B 316 8.45 18.11 12.90
C GLN B 316 9.11 18.38 14.26
N LYS B 317 8.29 18.22 15.30
CA LYS B 317 8.73 18.42 16.69
C LYS B 317 8.27 17.20 17.48
N LEU B 318 9.06 16.79 18.46
CA LEU B 318 8.70 15.63 19.32
C LEU B 318 8.04 16.18 20.58
N PHE B 319 6.94 15.57 21.01
CA PHE B 319 6.20 16.04 22.21
C PHE B 319 6.13 14.92 23.23
N PRO B 320 7.07 14.91 24.20
CA PRO B 320 7.07 13.89 25.26
C PRO B 320 5.75 13.87 26.04
N LEU B 321 5.38 12.71 26.55
CA LEU B 321 4.14 12.54 27.35
C LEU B 321 4.52 11.95 28.70
N PRO B 322 3.70 12.14 29.75
CA PRO B 322 4.00 11.58 31.07
C PRO B 322 4.14 10.05 31.02
N SER B 323 3.36 9.40 30.15
CA SER B 323 3.35 7.93 29.92
C SER B 323 4.74 7.43 29.50
N GLY B 324 5.63 8.32 29.08
CA GLY B 324 6.96 7.94 28.58
C GLY B 324 6.96 7.93 27.06
N ALA B 325 5.76 7.82 26.47
CA ALA B 325 5.59 7.81 25.00
C ALA B 325 5.74 9.26 24.49
N ALA B 326 5.42 9.49 23.22
CA ALA B 326 5.54 10.86 22.66
C ALA B 326 4.72 11.01 21.38
N LEU B 327 4.73 12.20 20.80
CA LEU B 327 4.04 12.50 19.52
C LEU B 327 5.05 13.10 18.56
N GLN B 328 5.07 12.63 17.32
CA GLN B 328 5.92 13.26 16.28
C GLN B 328 4.91 14.01 15.41
N MSE B 329 5.02 15.34 15.35
CA MSE B 329 4.00 16.10 14.65
C MSE B 329 4.58 17.26 13.85
O MSE B 329 5.59 17.84 14.21
CB MSE B 329 3.02 16.65 15.68
CG MSE B 329 1.78 17.27 15.09
SE MSE B 329 0.50 17.60 16.49
CE MSE B 329 1.53 18.54 17.84
N THR B 330 3.87 17.56 12.76
CA THR B 330 4.21 18.66 11.87
C THR B 330 3.82 19.96 12.57
N VAL B 331 4.74 20.91 12.65
CA VAL B 331 4.45 22.22 13.31
C VAL B 331 4.72 23.35 12.31
N SER B 332 5.38 23.05 11.18
CA SER B 332 5.67 24.12 10.18
C SER B 332 5.68 23.55 8.76
N HIS B 333 5.29 24.36 7.77
CA HIS B 333 5.38 23.98 6.33
C HIS B 333 6.38 24.91 5.64
N TYR B 334 7.19 24.37 4.72
CA TYR B 334 8.15 25.24 3.98
C TYR B 334 7.45 25.77 2.73
N TYR B 335 7.72 27.02 2.38
CA TYR B 335 7.17 27.67 1.16
C TYR B 335 8.34 28.23 0.34
N THR B 336 8.23 28.09 -0.98
CA THR B 336 9.25 28.56 -1.93
C THR B 336 9.17 30.09 -2.02
N PRO B 337 10.14 30.76 -2.69
CA PRO B 337 10.10 32.22 -2.85
C PRO B 337 8.80 32.72 -3.52
N ASN B 338 8.29 31.97 -4.52
CA ASN B 338 7.05 32.34 -5.26
C ASN B 338 5.81 32.07 -4.41
N GLY B 339 5.99 31.44 -3.24
CA GLY B 339 4.87 31.14 -2.32
C GLY B 339 4.29 29.75 -2.52
N ASN B 340 5.01 28.87 -3.21
CA ASN B 340 4.54 27.50 -3.47
C ASN B 340 4.85 26.61 -2.27
N MSE B 341 3.89 25.77 -1.91
CA MSE B 341 4.07 24.82 -0.83
C MSE B 341 4.85 23.63 -1.39
O MSE B 341 4.49 23.10 -2.45
CB MSE B 341 2.70 24.38 -0.28
CG MSE B 341 2.76 23.65 1.05
SE MSE B 341 0.98 23.01 1.60
CE MSE B 341 1.17 21.37 2.66
N ILE B 342 5.90 23.22 -0.68
CA ILE B 342 6.73 22.11 -1.11
C ILE B 342 6.02 20.79 -0.75
N GLU B 343 5.49 20.69 0.47
CA GLU B 343 4.80 19.46 0.95
C GLU B 343 3.66 19.06 0.00
N GLY B 344 3.74 17.84 -0.56
CA GLY B 344 2.69 17.31 -1.44
C GLY B 344 2.85 17.69 -2.90
N GLN B 345 3.60 18.76 -3.20
CA GLN B 345 3.77 19.17 -4.62
C GLN B 345 5.13 18.74 -5.15
N GLY B 346 6.19 19.12 -4.45
CA GLY B 346 7.54 18.83 -4.95
C GLY B 346 7.94 19.93 -5.90
N ILE B 347 9.18 19.90 -6.36
CA ILE B 347 9.70 20.94 -7.29
C ILE B 347 9.80 20.35 -8.69
N GLN B 348 9.16 20.98 -9.66
CA GLN B 348 9.27 20.53 -11.07
C GLN B 348 10.57 21.08 -11.63
N PRO B 349 11.38 20.29 -12.35
CA PRO B 349 12.62 20.80 -12.92
C PRO B 349 12.33 21.79 -14.06
N ASN B 350 13.32 22.61 -14.41
CA ASN B 350 13.18 23.55 -15.55
C ASN B 350 13.11 22.71 -16.83
N GLN B 351 13.90 21.63 -16.87
CA GLN B 351 13.97 20.71 -18.03
C GLN B 351 13.91 19.26 -17.52
N THR B 352 12.82 18.55 -17.85
CA THR B 352 12.64 17.14 -17.43
C THR B 352 13.60 16.24 -18.21
N TYR B 353 14.36 15.40 -17.51
CA TYR B 353 15.30 14.45 -18.15
C TYR B 353 15.73 13.43 -17.10
N PRO B 354 14.86 12.43 -16.82
CA PRO B 354 15.17 11.40 -15.85
C PRO B 354 16.20 10.41 -16.41
N LEU B 355 16.87 9.65 -15.53
CA LEU B 355 17.86 8.63 -15.95
C LEU B 355 17.18 7.66 -16.90
N PRO B 356 17.52 7.66 -18.22
CA PRO B 356 16.88 6.75 -19.17
C PRO B 356 17.05 5.30 -18.73
N PRO B 357 16.19 4.37 -19.18
CA PRO B 357 16.30 2.98 -18.76
C PRO B 357 17.64 2.32 -19.12
N GLU B 358 18.36 1.87 -18.08
CA GLU B 358 19.67 1.16 -18.17
C GLU B 358 20.79 1.99 -18.78
N MSE B 359 20.66 3.32 -18.81
CA MSE B 359 21.77 4.12 -19.31
C MSE B 359 22.85 4.15 -18.24
O MSE B 359 22.54 4.15 -17.05
CB MSE B 359 21.35 5.56 -19.67
CG MSE B 359 22.53 6.51 -19.84
SE MSE B 359 22.09 8.32 -20.51
CE MSE B 359 21.37 8.17 -22.33
N LYS B 360 24.13 4.17 -18.66
CA LYS B 360 25.26 4.17 -17.75
C LYS B 360 25.28 5.51 -16.99
N GLU B 361 25.58 5.47 -15.70
CA GLU B 361 25.60 6.66 -14.79
C GLU B 361 26.49 7.80 -15.32
N GLU B 362 27.78 7.53 -15.55
CA GLU B 362 28.72 8.61 -15.99
C GLU B 362 28.26 9.20 -17.33
N VAL B 363 27.54 8.43 -18.16
CA VAL B 363 27.03 8.97 -19.46
C VAL B 363 25.89 9.96 -19.15
N TYR B 364 24.97 9.56 -18.27
CA TYR B 364 23.86 10.45 -17.85
C TYR B 364 24.45 11.76 -17.31
N LEU B 365 25.47 11.67 -16.45
CA LEU B 365 26.09 12.91 -15.90
C LEU B 365 26.58 13.78 -17.06
N ASP B 366 27.35 13.20 -17.99
CA ASP B 366 27.88 13.97 -19.15
C ASP B 366 26.73 14.62 -19.94
N ARG B 367 25.67 13.87 -20.24
CA ARG B 367 24.54 14.44 -21.03
C ARG B 367 23.85 15.56 -20.24
N VAL B 368 23.73 15.40 -18.92
CA VAL B 368 23.11 16.45 -18.06
C VAL B 368 24.01 17.69 -18.13
N ALA B 369 25.33 17.49 -18.01
CA ALA B 369 26.30 18.61 -18.07
C ALA B 369 26.19 19.31 -19.44
N ASP B 370 26.01 18.54 -20.52
CA ASP B 370 25.85 19.13 -21.89
C ASP B 370 24.64 20.05 -21.92
N LEU B 371 23.51 19.59 -21.40
CA LEU B 371 22.27 20.42 -21.37
C LEU B 371 22.53 21.75 -20.66
N LEU B 372 23.27 21.69 -19.56
CA LEU B 372 23.59 22.91 -18.75
C LEU B 372 24.42 23.89 -19.58
N LEU B 373 25.41 23.39 -20.33
CA LEU B 373 26.30 24.25 -21.16
C LEU B 373 25.53 24.90 -22.32
N LYS B 374 24.42 24.30 -22.76
CA LYS B 374 23.64 24.88 -23.90
C LYS B 374 22.66 25.96 -23.42
N ARG B 375 22.86 26.49 -22.21
CA ARG B 375 21.99 27.57 -21.66
C ARG B 375 22.66 28.92 -21.90
CAA TMO C . 0.05 -29.63 1.90
NAC TMO C . 0.52 -28.26 1.67
CAD TMO C . 0.02 -27.38 2.74
CAB TMO C . 1.99 -28.25 1.68
OAE TMO C . 0.10 -27.85 0.56
C1 PEG D . -11.80 7.74 -6.74
O1 PEG D . -12.12 7.62 -5.37
C2 PEG D . -10.41 8.28 -6.95
O2 PEG D . -9.87 7.81 -8.18
C3 PEG D . -8.48 8.09 -8.31
C4 PEG D . -7.69 7.31 -7.30
O4 PEG D . -6.50 6.76 -7.83
NA NA E . -26.88 -33.66 4.36
CL CL F . -31.38 -2.92 -1.47
C1 PEG G . 6.80 20.10 -16.99
O1 PEG G . 6.04 19.99 -15.80
C2 PEG G . 8.21 20.54 -16.72
O2 PEG G . 8.76 21.13 -17.90
C3 PEG G . 9.93 20.45 -18.37
C4 PEG G . 10.11 20.73 -19.83
O4 PEG G . 10.96 19.77 -20.44
NA NA H . 24.22 35.93 -0.43
CL CL I . -15.46 24.94 22.92
CL CL J . -12.40 0.52 33.10
#